data_7VUN
#
_entry.id   7VUN
#
_cell.length_a   84.033
_cell.length_b   97.864
_cell.length_c   136.310
_cell.angle_alpha   90.000
_cell.angle_beta   90.000
_cell.angle_gamma   90.000
#
_symmetry.space_group_name_H-M   'P 21 21 21'
#
loop_
_entity.id
_entity.type
_entity.pdbx_description
1 polymer 'Programmed cell death 1 ligand 1'
2 non-polymer '(2~{S},3~{S})-2-[[6-[(3-cyanophenyl)methoxy]-2-(2-methyl-3-phenyl-phenyl)-1,3-bis(oxidanylidene)isoindol-5-yl]methylamino]-3-oxidanyl-butanoic acid'
3 water water
#
_entity_poly.entity_id   1
_entity_poly.type   'polypeptide(L)'
_entity_poly.pdbx_seq_one_letter_code
;AFTVTVPKDLYVVEYGSNMTIECKFPVEKQLDLAALIVYWEMEDKNIIQFVHGEEDLKVQHSSYRQRARLLKDQLSLGNA
ALQITDVKLQDAGVYRCMISYGGADYKRITVKVNAPYAAALEHHHH
;
_entity_poly.pdbx_strand_id   B,A,C,D,E,F,G,H
#
# COMPACT_ATOMS: atom_id res chain seq x y z
N ALA A 1 2.46 6.97 -22.27
CA ALA A 1 3.28 7.55 -21.22
C ALA A 1 4.37 6.58 -20.81
N PHE A 2 5.62 7.03 -20.82
CA PHE A 2 6.77 6.20 -20.51
C PHE A 2 7.47 6.76 -19.28
N THR A 3 7.55 5.94 -18.23
CA THR A 3 8.12 6.38 -16.96
C THR A 3 9.05 5.30 -16.43
N VAL A 4 10.27 5.69 -16.13
CA VAL A 4 11.20 4.86 -15.38
C VAL A 4 10.89 5.03 -13.90
N THR A 5 10.80 3.92 -13.18
CA THR A 5 10.60 3.94 -11.73
C THR A 5 11.83 3.36 -11.03
N VAL A 6 11.94 3.65 -9.73
CA VAL A 6 13.01 3.12 -8.90
C VAL A 6 12.42 2.51 -7.64
N PRO A 7 12.60 1.22 -7.38
CA PRO A 7 12.11 0.64 -6.13
C PRO A 7 12.78 1.22 -4.91
N LYS A 8 13.95 1.86 -5.07
CA LYS A 8 14.69 2.48 -3.99
C LYS A 8 15.41 3.68 -4.57
N ASP A 9 15.20 4.85 -3.98
CA ASP A 9 15.99 6.01 -4.38
C ASP A 9 17.13 6.29 -3.41
N LEU A 10 17.33 5.44 -2.40
CA LEU A 10 18.44 5.57 -1.47
C LEU A 10 19.07 4.20 -1.23
N TYR A 11 20.39 4.11 -1.35
CA TYR A 11 21.15 2.90 -1.02
C TYR A 11 22.22 3.25 0.01
N VAL A 12 22.35 2.42 1.04
CA VAL A 12 23.43 2.56 2.01
C VAL A 12 24.32 1.33 1.89
N VAL A 13 25.55 1.56 1.43
CA VAL A 13 26.47 0.50 1.02
C VAL A 13 27.68 0.54 1.93
N GLU A 14 28.16 -0.64 2.34
CA GLU A 14 29.32 -0.73 3.20
C GLU A 14 30.60 -0.73 2.36
N TYR A 15 31.55 0.11 2.76
CA TYR A 15 32.82 0.26 2.05
C TYR A 15 33.41 -1.09 1.66
N GLY A 16 33.84 -1.19 0.40
CA GLY A 16 34.47 -2.41 -0.07
C GLY A 16 33.52 -3.51 -0.52
N SER A 17 32.21 -3.33 -0.36
CA SER A 17 31.27 -4.34 -0.81
C SER A 17 30.87 -4.09 -2.26
N ASN A 18 30.05 -4.98 -2.81
CA ASN A 18 29.46 -4.80 -4.13
C ASN A 18 28.06 -4.21 -4.00
N MET A 19 27.64 -3.53 -5.05
CA MET A 19 26.44 -2.70 -5.05
C MET A 19 25.63 -3.02 -6.30
N THR A 20 24.31 -3.08 -6.15
CA THR A 20 23.41 -3.21 -7.28
C THR A 20 22.27 -2.22 -7.11
N ILE A 21 22.14 -1.28 -8.04
CA ILE A 21 21.05 -0.30 -7.99
C ILE A 21 20.22 -0.42 -9.26
N GLU A 22 18.91 -0.29 -9.13
CA GLU A 22 18.01 -0.68 -10.19
C GLU A 22 17.13 0.47 -10.69
N CYS A 23 16.81 0.42 -11.98
CA CYS A 23 15.81 1.29 -12.60
C CYS A 23 14.86 0.40 -13.38
N LYS A 24 13.57 0.52 -13.12
CA LYS A 24 12.59 -0.28 -13.86
C LYS A 24 12.01 0.55 -15.01
N PHE A 25 11.83 -0.11 -16.15
CA PHE A 25 11.15 0.48 -17.30
C PHE A 25 10.20 -0.56 -17.85
N PRO A 26 9.05 -0.14 -18.40
CA PRO A 26 8.02 -1.11 -18.81
C PRO A 26 8.40 -1.84 -20.09
N VAL A 27 8.40 -3.17 -20.02
CA VAL A 27 8.61 -4.04 -21.16
C VAL A 27 7.39 -4.95 -21.27
N GLU A 28 6.74 -4.92 -22.42
CA GLU A 28 5.58 -5.76 -22.68
C GLU A 28 5.93 -6.77 -23.76
N LYS A 29 5.49 -8.01 -23.55
CA LYS A 29 5.82 -9.16 -24.41
C LYS A 29 7.34 -9.34 -24.40
N GLN A 30 8.02 -9.33 -25.54
CA GLN A 30 9.45 -9.60 -25.58
C GLN A 30 10.21 -8.31 -25.87
N LEU A 31 11.37 -8.15 -25.22
CA LEU A 31 12.11 -6.90 -25.25
C LEU A 31 12.79 -6.70 -26.61
N ASP A 32 12.70 -5.48 -27.12
CA ASP A 32 13.26 -5.09 -28.41
C ASP A 32 14.61 -4.42 -28.16
N LEU A 33 15.68 -5.21 -28.24
CA LEU A 33 17.01 -4.71 -27.89
C LEU A 33 17.46 -3.55 -28.78
N ALA A 34 16.99 -3.52 -30.04
CA ALA A 34 17.44 -2.49 -30.96
C ALA A 34 16.95 -1.10 -30.58
N ALA A 35 15.83 -1.02 -29.86
CA ALA A 35 15.23 0.25 -29.46
C ALA A 35 15.63 0.70 -28.07
N LEU A 36 16.49 -0.04 -27.38
CA LEU A 36 16.78 0.18 -25.97
C LEU A 36 18.11 0.92 -25.82
N ILE A 37 18.07 2.05 -25.13
CA ILE A 37 19.27 2.79 -24.74
C ILE A 37 19.23 2.95 -23.24
N VAL A 38 20.27 2.49 -22.57
CA VAL A 38 20.40 2.60 -21.12
C VAL A 38 21.67 3.35 -20.82
N TYR A 39 21.61 4.27 -19.88
CA TYR A 39 22.70 5.18 -19.61
C TYR A 39 22.74 5.39 -18.11
N TRP A 40 23.89 5.13 -17.51
CA TRP A 40 24.07 5.33 -16.08
C TRP A 40 25.21 6.33 -15.90
N GLU A 41 25.00 7.31 -15.04
CA GLU A 41 26.08 8.21 -14.67
C GLU A 41 25.95 8.59 -13.20
N MET A 42 26.96 9.29 -12.70
CA MET A 42 26.86 9.93 -11.39
C MET A 42 27.68 11.20 -11.44
N GLU A 43 27.02 12.32 -11.13
CA GLU A 43 27.65 13.65 -11.09
C GLU A 43 28.46 13.93 -12.33
N ASP A 44 27.83 13.77 -13.49
CA ASP A 44 28.44 14.08 -14.78
C ASP A 44 29.61 13.17 -15.12
N LYS A 45 29.70 12.01 -14.48
CA LYS A 45 30.70 10.99 -14.82
C LYS A 45 29.96 9.78 -15.39
N ASN A 46 30.24 9.45 -16.65
CA ASN A 46 29.53 8.34 -17.26
C ASN A 46 30.01 7.02 -16.68
N ILE A 47 29.07 6.19 -16.28
CA ILE A 47 29.33 4.83 -15.84
C ILE A 47 29.06 3.83 -16.94
N ILE A 48 27.87 3.89 -17.54
CA ILE A 48 27.43 2.86 -18.48
C ILE A 48 26.71 3.51 -19.64
N GLN A 49 27.00 3.04 -20.86
CA GLN A 49 26.26 3.44 -22.04
C GLN A 49 25.96 2.18 -22.85
N PHE A 50 24.70 1.77 -22.85
CA PHE A 50 24.22 0.54 -23.46
C PHE A 50 23.33 0.95 -24.65
N VAL A 51 23.90 0.83 -25.84
CA VAL A 51 23.24 1.22 -27.09
C VAL A 51 23.17 -0.01 -27.98
N HIS A 52 22.08 -0.13 -28.72
CA HIS A 52 21.83 -1.33 -29.51
C HIS A 52 21.87 -2.54 -28.59
N GLY A 53 22.91 -3.36 -28.72
CA GLY A 53 22.93 -4.58 -27.93
C GLY A 53 24.11 -4.72 -27.01
N GLU A 54 25.02 -3.75 -27.00
CA GLU A 54 26.22 -3.88 -26.21
C GLU A 54 26.59 -2.55 -25.56
N GLU A 55 27.31 -2.67 -24.45
CA GLU A 55 27.88 -1.52 -23.75
C GLU A 55 28.89 -0.82 -24.65
N ASP A 56 28.96 0.49 -24.51
CA ASP A 56 29.89 1.34 -25.23
C ASP A 56 30.76 2.03 -24.20
N LEU A 57 32.07 1.75 -24.23
CA LEU A 57 33.00 2.26 -23.23
C LEU A 57 33.83 3.43 -23.75
N LYS A 58 33.33 4.15 -24.76
CA LYS A 58 34.08 5.28 -25.31
C LYS A 58 34.19 6.41 -24.30
N VAL A 59 33.12 6.63 -23.54
CA VAL A 59 32.98 7.78 -22.65
C VAL A 59 33.13 7.40 -21.19
N GLN A 60 33.32 6.12 -20.90
CA GLN A 60 33.34 5.64 -19.52
C GLN A 60 34.43 6.32 -18.71
N HIS A 61 34.04 6.89 -17.57
CA HIS A 61 35.02 7.53 -16.69
C HIS A 61 35.98 6.49 -16.14
N SER A 62 37.20 6.96 -15.85
CA SER A 62 38.28 6.08 -15.42
C SER A 62 37.96 5.38 -14.10
N SER A 63 37.10 5.96 -13.26
CA SER A 63 36.81 5.30 -12.00
C SER A 63 35.88 4.10 -12.15
N TYR A 64 35.43 3.78 -13.37
CA TYR A 64 34.52 2.66 -13.58
C TYR A 64 35.07 1.61 -14.53
N ARG A 65 36.34 1.74 -14.93
CA ARG A 65 36.96 0.75 -15.80
C ARG A 65 36.89 -0.63 -15.16
N GLN A 66 36.16 -1.54 -15.80
CA GLN A 66 35.99 -2.92 -15.35
C GLN A 66 35.39 -3.01 -13.95
N ARG A 67 34.77 -1.93 -13.49
CA ARG A 67 34.19 -1.87 -12.16
C ARG A 67 32.67 -1.83 -12.20
N ALA A 68 32.08 -1.61 -13.37
CA ALA A 68 30.66 -1.35 -13.51
C ALA A 68 30.12 -2.14 -14.68
N ARG A 69 29.08 -2.94 -14.43
CA ARG A 69 28.37 -3.55 -15.55
C ARG A 69 26.87 -3.49 -15.35
N LEU A 70 26.16 -3.42 -16.47
CA LEU A 70 24.71 -3.55 -16.50
C LEU A 70 24.35 -5.02 -16.67
N LEU A 71 23.45 -5.52 -15.83
CA LEU A 71 22.98 -6.89 -15.94
C LEU A 71 22.06 -7.03 -17.15
N LYS A 72 22.50 -7.74 -18.18
CA LYS A 72 21.70 -7.80 -19.40
C LYS A 72 20.51 -8.75 -19.28
N ASP A 73 20.64 -9.85 -18.53
CA ASP A 73 19.52 -10.78 -18.39
C ASP A 73 18.31 -10.09 -17.78
N GLN A 74 18.52 -9.07 -16.95
CA GLN A 74 17.43 -8.33 -16.32
C GLN A 74 16.72 -7.40 -17.30
N LEU A 75 17.35 -7.06 -18.42
CA LEU A 75 16.72 -6.14 -19.38
C LEU A 75 15.42 -6.70 -19.93
N SER A 76 15.38 -8.01 -20.21
CA SER A 76 14.13 -8.64 -20.65
C SER A 76 13.00 -8.39 -19.68
N LEU A 77 13.29 -8.36 -18.38
CA LEU A 77 12.25 -8.15 -17.39
C LEU A 77 11.99 -6.68 -17.11
N GLY A 78 12.56 -5.79 -17.90
CA GLY A 78 12.37 -4.37 -17.68
C GLY A 78 13.14 -3.85 -16.49
N ASN A 79 14.31 -4.42 -16.19
CA ASN A 79 15.12 -4.02 -15.05
C ASN A 79 16.51 -3.64 -15.53
N ALA A 80 16.85 -2.36 -15.41
CA ALA A 80 18.19 -1.85 -15.72
C ALA A 80 18.97 -1.82 -14.42
N ALA A 81 19.77 -2.84 -14.18
CA ALA A 81 20.45 -3.06 -12.91
C ALA A 81 21.92 -2.76 -13.08
N LEU A 82 22.39 -1.70 -12.43
CA LEU A 82 23.80 -1.32 -12.42
C LEU A 82 24.51 -1.99 -11.26
N GLN A 83 25.64 -2.64 -11.55
CA GLN A 83 26.45 -3.27 -10.53
C GLN A 83 27.79 -2.56 -10.48
N ILE A 84 28.15 -2.10 -9.29
CA ILE A 84 29.44 -1.47 -9.01
C ILE A 84 30.18 -2.37 -8.04
N THR A 85 31.41 -2.74 -8.42
CA THR A 85 32.25 -3.67 -7.68
C THR A 85 33.23 -2.91 -6.78
N ASP A 86 33.34 -3.33 -5.52
CA ASP A 86 34.30 -2.74 -4.58
C ASP A 86 34.01 -1.24 -4.38
N VAL A 87 32.90 -1.00 -3.68
CA VAL A 87 32.43 0.36 -3.51
C VAL A 87 33.39 1.13 -2.62
N LYS A 88 33.84 2.28 -3.11
CA LYS A 88 34.74 3.18 -2.41
C LYS A 88 33.97 4.43 -1.99
N LEU A 89 34.57 5.26 -1.13
CA LEU A 89 33.90 6.47 -0.71
C LEU A 89 33.63 7.41 -1.88
N GLN A 90 34.52 7.44 -2.87
CA GLN A 90 34.27 8.23 -4.08
C GLN A 90 32.98 7.85 -4.79
N ASP A 91 32.40 6.68 -4.48
CA ASP A 91 31.15 6.25 -5.11
C ASP A 91 29.90 6.82 -4.43
N ALA A 92 30.02 7.42 -3.25
CA ALA A 92 28.87 8.07 -2.62
C ALA A 92 28.45 9.31 -3.40
N GLY A 93 27.19 9.36 -3.82
CA GLY A 93 26.73 10.50 -4.60
C GLY A 93 25.38 10.22 -5.23
N VAL A 94 25.05 11.01 -6.24
CA VAL A 94 23.74 10.95 -6.89
C VAL A 94 23.92 10.33 -8.26
N TYR A 95 23.30 9.16 -8.45
CA TYR A 95 23.31 8.41 -9.70
C TYR A 95 22.06 8.71 -10.53
N ARG A 96 22.24 8.84 -11.84
CA ARG A 96 21.12 9.07 -12.74
C ARG A 96 21.09 7.96 -13.77
N CYS A 97 19.90 7.39 -13.98
CA CYS A 97 19.69 6.36 -15.00
C CYS A 97 18.76 6.93 -16.06
N MET A 98 19.28 7.06 -17.28
CA MET A 98 18.53 7.50 -18.45
C MET A 98 18.18 6.29 -19.29
N ILE A 99 16.88 6.04 -19.45
CA ILE A 99 16.40 4.91 -20.23
C ILE A 99 15.56 5.45 -21.37
N SER A 100 15.78 4.91 -22.57
CA SER A 100 14.99 5.21 -23.75
C SER A 100 14.53 3.88 -24.32
N TYR A 101 13.21 3.71 -24.40
CA TYR A 101 12.58 2.49 -24.89
C TYR A 101 11.20 2.91 -25.39
N GLY A 102 11.15 3.37 -26.64
CA GLY A 102 9.92 3.99 -27.10
C GLY A 102 9.89 5.40 -26.57
N GLY A 103 9.35 5.58 -25.38
CA GLY A 103 9.48 6.84 -24.69
C GLY A 103 10.84 6.96 -24.03
N ALA A 104 11.02 8.06 -23.30
CA ALA A 104 12.30 8.33 -22.65
C ALA A 104 12.07 8.89 -21.25
N ASP A 105 12.89 8.47 -20.30
CA ASP A 105 12.78 8.99 -18.95
C ASP A 105 14.12 8.81 -18.24
N TYR A 106 14.23 9.41 -17.06
CA TYR A 106 15.38 9.19 -16.22
C TYR A 106 14.95 9.30 -14.77
N LYS A 107 15.75 8.68 -13.90
CA LYS A 107 15.50 8.78 -12.47
C LYS A 107 16.81 8.97 -11.72
N ARG A 108 16.67 9.45 -10.49
CA ARG A 108 17.79 9.71 -9.58
C ARG A 108 17.81 8.70 -8.45
N ILE A 109 19.00 8.34 -8.01
CA ILE A 109 19.23 7.42 -6.88
C ILE A 109 20.40 7.95 -6.07
N THR A 110 20.24 8.03 -4.77
CA THR A 110 21.32 8.47 -3.89
C THR A 110 22.01 7.27 -3.27
N VAL A 111 23.35 7.27 -3.30
CA VAL A 111 24.13 6.22 -2.68
C VAL A 111 24.98 6.83 -1.57
N LYS A 112 24.80 6.34 -0.34
CA LYS A 112 25.65 6.64 0.80
C LYS A 112 26.57 5.46 1.10
N VAL A 113 27.77 5.76 1.60
CA VAL A 113 28.78 4.76 1.86
C VAL A 113 29.26 4.90 3.30
N ASN A 114 29.01 3.88 4.12
CA ASN A 114 29.56 3.80 5.46
C ASN A 114 30.95 3.16 5.40
N ALA A 115 31.87 3.65 6.23
CA ALA A 115 33.24 3.18 6.10
C ALA A 115 33.98 3.18 7.44
N PRO A 116 34.83 2.19 7.69
CA PRO A 116 35.64 2.22 8.90
C PRO A 116 36.63 3.36 8.88
N TYR A 117 37.15 3.67 10.08
CA TYR A 117 38.01 4.83 10.25
C TYR A 117 39.25 4.76 9.35
N ALA A 118 39.81 3.57 9.15
CA ALA A 118 41.00 3.46 8.30
C ALA A 118 40.71 3.97 6.88
N ALA A 119 39.70 3.39 6.23
CA ALA A 119 39.37 3.82 4.86
C ALA A 119 38.99 5.29 4.83
N ALA A 120 38.12 5.71 5.76
CA ALA A 120 37.74 7.12 5.81
C ALA A 120 38.97 8.01 5.97
N LEU A 121 40.00 7.52 6.65
CA LEU A 121 41.22 8.28 6.84
C LEU A 121 41.97 8.40 5.51
N GLU A 122 42.17 7.28 4.82
CA GLU A 122 42.90 7.33 3.55
C GLU A 122 42.17 8.17 2.52
N HIS A 123 40.84 8.12 2.50
CA HIS A 123 40.11 9.02 1.61
C HIS A 123 40.25 10.48 2.04
N HIS A 124 40.19 10.74 3.35
CA HIS A 124 40.22 12.11 3.84
C HIS A 124 41.54 12.78 3.51
N HIS A 125 42.64 12.04 3.58
CA HIS A 125 43.94 12.64 3.29
C HIS A 125 44.27 12.68 1.80
N HIS A 126 43.65 11.84 0.98
CA HIS A 126 43.96 11.81 -0.45
C HIS A 126 42.77 12.26 -1.29
N ALA B 1 13.53 -21.09 19.94
CA ALA B 1 14.23 -21.99 19.04
C ALA B 1 15.00 -21.21 17.97
N PHE B 2 16.32 -21.31 17.99
CA PHE B 2 17.17 -20.56 17.06
C PHE B 2 17.14 -21.22 15.69
N THR B 3 16.63 -20.48 14.70
CA THR B 3 16.41 -21.02 13.38
C THR B 3 16.93 -20.02 12.36
N VAL B 4 17.86 -20.47 11.51
CA VAL B 4 18.28 -19.68 10.37
C VAL B 4 17.27 -19.88 9.24
N THR B 5 16.84 -18.78 8.64
CA THR B 5 15.98 -18.84 7.46
C THR B 5 16.65 -18.13 6.29
N VAL B 6 16.23 -18.50 5.09
CA VAL B 6 16.75 -17.92 3.85
C VAL B 6 15.58 -17.33 3.10
N PRO B 7 15.62 -16.05 2.70
CA PRO B 7 14.55 -15.53 1.85
C PRO B 7 14.49 -16.21 0.49
N LYS B 8 15.64 -16.53 -0.09
CA LYS B 8 15.69 -17.33 -1.30
C LYS B 8 16.57 -18.54 -1.02
N ASP B 9 16.10 -19.71 -1.45
CA ASP B 9 16.94 -20.89 -1.46
C ASP B 9 17.43 -21.22 -2.87
N LEU B 10 17.11 -20.38 -3.85
CA LEU B 10 17.61 -20.52 -5.20
C LEU B 10 18.02 -19.16 -5.72
N TYR B 11 19.20 -19.08 -6.37
CA TYR B 11 19.62 -17.85 -7.05
C TYR B 11 20.02 -18.13 -8.47
N VAL B 12 19.66 -17.24 -9.39
CA VAL B 12 20.09 -17.36 -10.79
C VAL B 12 20.91 -16.13 -11.16
N VAL B 13 22.21 -16.35 -11.35
CA VAL B 13 23.16 -15.27 -11.51
C VAL B 13 23.84 -15.39 -12.87
N GLU B 14 24.14 -14.22 -13.41
CA GLU B 14 24.83 -14.09 -14.67
C GLU B 14 26.32 -14.34 -14.49
N TYR B 15 26.90 -15.11 -15.40
CA TYR B 15 28.35 -15.22 -15.47
C TYR B 15 29.01 -13.85 -15.42
N GLY B 16 30.05 -13.73 -14.59
CA GLY B 16 30.80 -12.51 -14.50
C GLY B 16 30.19 -11.40 -13.66
N SER B 17 28.95 -11.57 -13.18
CA SER B 17 28.27 -10.56 -12.39
C SER B 17 28.57 -10.76 -10.89
N ASN B 18 27.99 -9.91 -10.04
CA ASN B 18 28.20 -10.08 -8.61
C ASN B 18 26.96 -10.68 -7.96
N MET B 19 27.19 -11.39 -6.85
CA MET B 19 26.16 -12.19 -6.21
C MET B 19 26.13 -11.92 -4.71
N THR B 20 24.92 -11.78 -4.15
CA THR B 20 24.71 -11.63 -2.72
C THR B 20 23.66 -12.64 -2.28
N ILE B 21 24.03 -13.63 -1.46
CA ILE B 21 23.07 -14.62 -0.97
C ILE B 21 22.98 -14.50 0.55
N GLU B 22 21.77 -14.65 1.08
CA GLU B 22 21.49 -14.22 2.44
C GLU B 22 20.98 -15.36 3.32
N CYS B 23 21.37 -15.29 4.60
CA CYS B 23 20.84 -16.15 5.66
C CYS B 23 20.44 -15.26 6.83
N LYS B 24 19.19 -15.39 7.27
CA LYS B 24 18.71 -14.60 8.40
C LYS B 24 18.78 -15.41 9.68
N PHE B 25 19.30 -14.79 10.74
CA PHE B 25 19.28 -15.37 12.07
C PHE B 25 18.78 -14.34 13.07
N PRO B 26 18.08 -14.77 14.12
CA PRO B 26 17.38 -13.81 14.99
C PRO B 26 18.36 -13.00 15.84
N VAL B 27 18.24 -11.68 15.77
CA VAL B 27 19.03 -10.77 16.58
C VAL B 27 18.04 -9.87 17.33
N GLU B 28 17.65 -10.31 18.52
CA GLU B 28 16.94 -9.45 19.44
C GLU B 28 17.97 -8.72 20.29
N LYS B 29 17.64 -7.50 20.67
CA LYS B 29 18.55 -6.58 21.35
C LYS B 29 19.89 -6.44 20.60
N GLN B 30 20.84 -5.75 21.21
CA GLN B 30 22.11 -5.48 20.55
C GLN B 30 22.89 -6.77 20.30
N LEU B 31 23.71 -6.76 19.25
CA LEU B 31 24.45 -7.95 18.86
C LEU B 31 25.73 -8.11 19.67
N ASP B 32 25.99 -9.34 20.10
CA ASP B 32 27.20 -9.70 20.84
C ASP B 32 28.15 -10.39 19.86
N LEU B 33 29.07 -9.62 19.28
CA LEU B 33 29.94 -10.12 18.23
C LEU B 33 30.81 -11.29 18.69
N ALA B 34 31.09 -11.40 19.99
CA ALA B 34 31.98 -12.44 20.47
C ALA B 34 31.31 -13.81 20.47
N ALA B 35 29.98 -13.86 20.53
CA ALA B 35 29.24 -15.11 20.58
C ALA B 35 28.75 -15.58 19.21
N LEU B 36 29.16 -14.90 18.13
CA LEU B 36 28.65 -15.17 16.80
C LEU B 36 29.70 -15.89 15.95
N ILE B 37 29.32 -17.04 15.40
CA ILE B 37 30.12 -17.74 14.41
C ILE B 37 29.29 -17.86 13.14
N VAL B 38 29.88 -17.48 12.00
CA VAL B 38 29.26 -17.64 10.69
C VAL B 38 30.23 -18.41 9.80
N TYR B 39 29.76 -19.49 9.21
CA TYR B 39 30.58 -20.33 8.35
C TYR B 39 29.85 -20.47 7.03
N TRP B 40 30.52 -20.09 5.94
CA TRP B 40 29.95 -20.14 4.60
C TRP B 40 30.79 -21.10 3.77
N GLU B 41 30.15 -22.13 3.23
CA GLU B 41 30.90 -23.06 2.39
C GLU B 41 30.09 -23.43 1.17
N MET B 42 30.76 -24.08 0.21
CA MET B 42 30.11 -24.60 -0.98
C MET B 42 30.72 -25.94 -1.31
N GLU B 43 29.96 -27.01 -1.13
CA GLU B 43 30.36 -28.39 -1.49
C GLU B 43 31.78 -28.69 -0.99
N ASP B 44 31.97 -28.54 0.32
CA ASP B 44 33.19 -28.86 1.07
C ASP B 44 34.35 -27.89 0.84
N LYS B 45 34.16 -26.80 0.08
CA LYS B 45 35.16 -25.74 -0.01
C LYS B 45 34.78 -24.61 0.95
N ASN B 46 35.70 -24.23 1.84
CA ASN B 46 35.39 -23.19 2.81
C ASN B 46 35.47 -21.81 2.18
N ILE B 47 34.39 -21.05 2.25
CA ILE B 47 34.37 -19.72 1.64
C ILE B 47 34.73 -18.69 2.70
N ILE B 48 33.98 -18.69 3.80
CA ILE B 48 34.11 -17.63 4.79
C ILE B 48 33.99 -18.23 6.18
N GLN B 49 34.80 -17.73 7.10
CA GLN B 49 34.71 -18.14 8.50
C GLN B 49 34.84 -16.92 9.39
N PHE B 50 33.81 -16.68 10.19
CA PHE B 50 33.67 -15.49 11.04
C PHE B 50 33.52 -15.99 12.48
N VAL B 51 34.63 -16.00 13.21
CA VAL B 51 34.68 -16.36 14.62
C VAL B 51 35.29 -15.19 15.39
N HIS B 52 34.57 -14.73 16.42
CA HIS B 52 34.98 -13.56 17.22
C HIS B 52 34.96 -12.34 16.30
N GLY B 53 36.09 -11.67 16.07
CA GLY B 53 36.08 -10.34 15.49
C GLY B 53 36.05 -10.26 13.98
N GLU B 54 36.98 -10.96 13.32
CA GLU B 54 37.13 -10.86 11.88
C GLU B 54 37.14 -12.27 11.29
N GLU B 55 37.11 -12.33 9.96
CA GLU B 55 37.18 -13.56 9.19
C GLU B 55 38.49 -14.32 9.46
N ASP B 56 38.58 -15.52 8.90
CA ASP B 56 39.77 -16.35 9.01
C ASP B 56 40.08 -16.91 7.63
N LEU B 57 41.22 -16.53 7.07
CA LEU B 57 41.63 -17.00 5.74
C LEU B 57 42.48 -18.26 5.82
N LYS B 58 42.44 -18.98 6.93
CA LYS B 58 43.23 -20.20 7.06
C LYS B 58 42.63 -21.32 6.22
N VAL B 59 41.31 -21.41 6.15
CA VAL B 59 40.63 -22.50 5.45
C VAL B 59 40.01 -22.04 4.14
N GLN B 60 40.10 -20.76 3.81
CA GLN B 60 39.46 -20.27 2.59
C GLN B 60 40.07 -20.93 1.37
N HIS B 61 39.24 -21.67 0.64
CA HIS B 61 39.65 -22.32 -0.60
C HIS B 61 40.21 -21.29 -1.59
N SER B 62 41.24 -21.71 -2.34
CA SER B 62 41.93 -20.78 -3.23
C SER B 62 40.99 -20.16 -4.25
N SER B 63 39.96 -20.89 -4.69
CA SER B 63 39.01 -20.39 -5.67
C SER B 63 38.15 -19.23 -5.14
N TYR B 64 38.35 -18.81 -3.89
CA TYR B 64 37.52 -17.77 -3.31
C TYR B 64 38.31 -16.61 -2.73
N ARG B 65 39.64 -16.69 -2.73
CA ARG B 65 40.43 -15.60 -2.18
C ARG B 65 40.24 -14.35 -3.02
N GLN B 66 40.11 -13.21 -2.34
CA GLN B 66 39.88 -11.90 -2.94
C GLN B 66 38.55 -11.82 -3.67
N ARG B 67 37.71 -12.84 -3.55
CA ARG B 67 36.45 -12.93 -4.28
C ARG B 67 35.22 -13.00 -3.39
N ALA B 68 35.40 -13.28 -2.09
CA ALA B 68 34.29 -13.49 -1.17
C ALA B 68 34.41 -12.55 0.02
N ARG B 69 33.32 -11.86 0.34
CA ARG B 69 33.26 -11.01 1.52
C ARG B 69 31.96 -11.26 2.26
N LEU B 70 32.02 -11.20 3.58
CA LEU B 70 30.82 -11.26 4.43
C LEU B 70 30.44 -9.85 4.82
N LEU B 71 29.22 -9.44 4.51
CA LEU B 71 28.77 -8.08 4.81
C LEU B 71 28.64 -7.90 6.32
N LYS B 72 29.55 -7.14 6.93
CA LYS B 72 29.61 -7.10 8.39
C LYS B 72 28.50 -6.24 8.99
N ASP B 73 28.20 -5.09 8.39
CA ASP B 73 27.15 -4.24 8.91
C ASP B 73 25.82 -4.97 9.02
N GLN B 74 25.58 -5.95 8.14
CA GLN B 74 24.30 -6.64 8.11
C GLN B 74 24.12 -7.60 9.29
N LEU B 75 25.20 -8.00 9.95
CA LEU B 75 25.08 -8.91 11.09
C LEU B 75 24.23 -8.30 12.20
N SER B 76 24.39 -7.00 12.45
CA SER B 76 23.60 -6.36 13.51
C SER B 76 22.11 -6.50 13.23
N LEU B 77 21.70 -6.47 11.97
CA LEU B 77 20.30 -6.62 11.62
C LEU B 77 19.83 -8.07 11.59
N GLY B 78 20.74 -9.02 11.79
CA GLY B 78 20.40 -10.42 11.63
C GLY B 78 20.53 -10.93 10.22
N ASN B 79 21.48 -10.41 9.44
CA ASN B 79 21.65 -10.80 8.05
C ASN B 79 23.09 -11.24 7.84
N ALA B 80 23.27 -12.54 7.59
CA ALA B 80 24.54 -13.11 7.13
C ALA B 80 24.49 -13.12 5.61
N ALA B 81 25.00 -12.05 5.01
CA ALA B 81 25.02 -11.89 3.58
C ALA B 81 26.41 -12.25 3.07
N LEU B 82 26.48 -13.23 2.19
CA LEU B 82 27.71 -13.57 1.51
C LEU B 82 27.71 -12.90 0.14
N GLN B 83 28.79 -12.20 -0.20
CA GLN B 83 28.99 -11.72 -1.55
C GLN B 83 30.15 -12.43 -2.23
N ILE B 84 29.87 -12.91 -3.43
CA ILE B 84 30.87 -13.45 -4.34
C ILE B 84 30.98 -12.48 -5.50
N THR B 85 32.22 -12.18 -5.89
CA THR B 85 32.55 -11.23 -6.93
C THR B 85 33.01 -11.99 -8.17
N ASP B 86 32.51 -11.57 -9.33
CA ASP B 86 32.85 -12.14 -10.64
C ASP B 86 32.54 -13.64 -10.68
N VAL B 87 31.23 -13.90 -10.68
CA VAL B 87 30.73 -15.28 -10.59
C VAL B 87 31.16 -16.08 -11.81
N LYS B 88 31.62 -17.31 -11.55
CA LYS B 88 32.07 -18.24 -12.57
C LYS B 88 31.21 -19.50 -12.56
N LEU B 89 31.34 -20.30 -13.61
CA LEU B 89 30.48 -21.48 -13.74
C LEU B 89 30.73 -22.46 -12.60
N GLN B 90 31.96 -22.55 -12.13
CA GLN B 90 32.25 -23.40 -10.99
C GLN B 90 31.73 -22.81 -9.67
N ASP B 91 31.00 -21.70 -9.71
CA ASP B 91 30.29 -21.20 -8.56
C ASP B 91 28.85 -21.68 -8.48
N ALA B 92 28.38 -22.45 -9.45
CA ALA B 92 27.06 -23.06 -9.37
C ALA B 92 27.11 -24.27 -8.47
N GLY B 93 26.10 -24.42 -7.63
CA GLY B 93 26.06 -25.55 -6.73
C GLY B 93 25.37 -25.18 -5.43
N VAL B 94 25.69 -25.95 -4.39
CA VAL B 94 25.01 -25.86 -3.10
C VAL B 94 25.91 -25.11 -2.12
N TYR B 95 25.38 -24.01 -1.61
CA TYR B 95 26.02 -23.23 -0.56
C TYR B 95 25.36 -23.59 0.75
N ARG B 96 26.17 -23.65 1.81
CA ARG B 96 25.65 -23.84 3.15
C ARG B 96 26.12 -22.69 4.03
N CYS B 97 25.20 -22.15 4.82
CA CYS B 97 25.52 -21.17 5.85
C CYS B 97 25.23 -21.79 7.22
N MET B 98 26.27 -21.89 8.04
CA MET B 98 26.16 -22.31 9.42
C MET B 98 26.27 -21.08 10.31
N ILE B 99 25.31 -20.89 11.21
CA ILE B 99 25.30 -19.75 12.11
C ILE B 99 25.13 -20.22 13.56
N SER B 100 26.05 -19.78 14.41
CA SER B 100 26.03 -20.05 15.83
C SER B 100 25.86 -18.71 16.54
N TYR B 101 24.74 -18.54 17.24
CA TYR B 101 24.43 -17.31 17.98
C TYR B 101 23.42 -17.69 19.07
N GLY B 102 23.93 -18.05 20.24
CA GLY B 102 23.09 -18.72 21.21
C GLY B 102 22.81 -20.11 20.69
N GLY B 103 21.68 -20.30 20.02
CA GLY B 103 21.45 -21.55 19.33
C GLY B 103 22.29 -21.68 18.07
N ALA B 104 22.20 -22.84 17.43
CA ALA B 104 22.98 -23.10 16.23
C ALA B 104 22.07 -23.70 15.16
N ASP B 105 22.28 -23.27 13.92
CA ASP B 105 21.50 -23.80 12.80
C ASP B 105 22.28 -23.56 11.52
N TYR B 106 21.75 -24.07 10.40
CA TYR B 106 22.35 -23.87 9.09
C TYR B 106 21.26 -23.98 8.03
N LYS B 107 21.55 -23.45 6.84
CA LYS B 107 20.63 -23.54 5.71
C LYS B 107 21.40 -23.74 4.42
N ARG B 108 20.67 -24.23 3.41
CA ARG B 108 21.19 -24.55 2.08
C ARG B 108 20.62 -23.58 1.04
N ILE B 109 21.46 -23.19 0.10
CA ILE B 109 21.06 -22.31 -1.00
C ILE B 109 21.62 -22.88 -2.29
N THR B 110 20.82 -22.88 -3.33
CA THR B 110 21.29 -23.35 -4.63
C THR B 110 21.54 -22.17 -5.55
N VAL B 111 22.71 -22.12 -6.18
CA VAL B 111 23.05 -21.08 -7.16
C VAL B 111 23.17 -21.75 -8.53
N LYS B 112 22.33 -21.34 -9.47
CA LYS B 112 22.52 -21.65 -10.88
C LYS B 112 23.22 -20.48 -11.57
N VAL B 113 24.09 -20.81 -12.52
CA VAL B 113 24.87 -19.83 -13.27
C VAL B 113 24.55 -19.99 -14.76
N ASN B 114 23.91 -18.97 -15.35
CA ASN B 114 23.78 -18.85 -16.79
C ASN B 114 25.03 -18.25 -17.42
N ALA B 115 25.49 -18.84 -18.53
CA ALA B 115 26.70 -18.34 -19.17
C ALA B 115 26.60 -18.39 -20.69
N PRO B 116 27.21 -17.44 -21.40
CA PRO B 116 27.17 -17.50 -22.86
C PRO B 116 28.03 -18.62 -23.41
N TYR B 117 28.00 -18.82 -24.73
CA TYR B 117 28.67 -19.98 -25.30
C TYR B 117 30.18 -19.93 -25.06
N ALA B 118 30.80 -18.75 -25.22
CA ALA B 118 32.25 -18.66 -25.06
C ALA B 118 32.70 -19.11 -23.66
N ALA B 119 32.08 -18.57 -22.61
CA ALA B 119 32.47 -18.96 -21.26
C ALA B 119 32.26 -20.46 -21.05
N ALA B 120 31.07 -20.96 -21.42
CA ALA B 120 30.82 -22.39 -21.28
C ALA B 120 31.89 -23.20 -21.99
N LEU B 121 32.33 -22.72 -23.16
CA LEU B 121 33.34 -23.41 -23.94
C LEU B 121 34.65 -23.51 -23.19
N GLU B 122 35.10 -22.39 -22.59
CA GLU B 122 36.33 -22.46 -21.80
C GLU B 122 36.16 -23.39 -20.60
N HIS B 123 34.99 -23.43 -19.98
CA HIS B 123 34.77 -24.29 -18.83
C HIS B 123 34.64 -25.77 -19.22
N HIS B 124 34.26 -26.06 -20.46
CA HIS B 124 34.00 -27.43 -20.88
C HIS B 124 35.26 -28.28 -20.82
N HIS B 125 36.39 -27.72 -21.24
CA HIS B 125 37.66 -28.43 -21.18
C HIS B 125 38.51 -27.91 -20.03
N ALA C 1 -27.99 6.33 -8.05
CA ALA C 1 -27.24 7.28 -7.24
C ALA C 1 -25.86 6.72 -6.88
N PHE C 2 -24.86 7.11 -7.66
CA PHE C 2 -23.50 6.61 -7.45
C PHE C 2 -22.92 7.26 -6.19
N THR C 3 -22.59 6.42 -5.21
CA THR C 3 -22.16 6.90 -3.91
C THR C 3 -20.84 6.25 -3.54
N VAL C 4 -19.88 7.07 -3.17
CA VAL C 4 -18.66 6.61 -2.53
C VAL C 4 -18.91 6.58 -1.03
N THR C 5 -18.53 5.49 -0.38
CA THR C 5 -18.63 5.40 1.08
C THR C 5 -17.24 5.21 1.66
N VAL C 6 -17.04 5.78 2.84
CA VAL C 6 -15.79 5.57 3.55
C VAL C 6 -16.12 4.95 4.91
N PRO C 7 -15.72 3.70 5.16
CA PRO C 7 -16.00 3.10 6.46
C PRO C 7 -15.35 3.82 7.62
N LYS C 8 -14.26 4.55 7.38
CA LYS C 8 -13.64 5.41 8.39
C LYS C 8 -13.34 6.75 7.75
N ASP C 9 -13.84 7.84 8.34
CA ASP C 9 -13.46 9.17 7.88
C ASP C 9 -12.35 9.77 8.72
N LEU C 10 -11.80 8.98 9.66
CA LEU C 10 -10.72 9.42 10.53
C LEU C 10 -9.79 8.25 10.78
N TYR C 11 -8.49 8.48 10.56
CA TYR C 11 -7.43 7.54 10.89
C TYR C 11 -6.44 8.22 11.82
N VAL C 12 -5.97 7.48 12.82
CA VAL C 12 -4.93 7.93 13.75
C VAL C 12 -3.79 6.93 13.65
N VAL C 13 -2.72 7.31 12.97
CA VAL C 13 -1.64 6.40 12.65
C VAL C 13 -0.39 6.85 13.38
N GLU C 14 0.51 5.91 13.58
CA GLU C 14 1.77 6.14 14.27
C GLU C 14 2.88 6.38 13.26
N TYR C 15 3.68 7.41 13.52
CA TYR C 15 4.81 7.71 12.65
C TYR C 15 5.62 6.45 12.42
N GLY C 16 5.97 6.21 11.15
CA GLY C 16 6.79 5.08 10.77
C GLY C 16 6.02 3.81 10.42
N SER C 17 4.72 3.77 10.66
CA SER C 17 3.94 2.59 10.38
C SER C 17 3.43 2.64 8.94
N ASN C 18 2.58 1.69 8.59
CA ASN C 18 1.90 1.68 7.30
C ASN C 18 0.44 1.99 7.50
N MET C 19 -0.18 2.57 6.48
CA MET C 19 -1.56 3.03 6.57
C MET C 19 -2.28 2.63 5.30
N THR C 20 -3.49 2.09 5.44
CA THR C 20 -4.33 1.80 4.29
C THR C 20 -5.69 2.41 4.54
N ILE C 21 -6.10 3.35 3.68
CA ILE C 21 -7.38 4.02 3.83
C ILE C 21 -8.25 3.60 2.67
N GLU C 22 -9.52 3.34 2.97
CA GLU C 22 -10.42 2.68 2.04
C GLU C 22 -11.47 3.64 1.52
N CYS C 23 -11.72 3.59 0.20
CA CYS C 23 -12.91 4.19 -0.39
C CYS C 23 -13.70 3.06 -1.06
N LYS C 24 -15.00 3.03 -0.82
CA LYS C 24 -15.86 2.00 -1.40
C LYS C 24 -16.75 2.62 -2.47
N PHE C 25 -16.97 1.86 -3.54
CA PHE C 25 -17.87 2.29 -4.60
C PHE C 25 -18.53 1.06 -5.18
N PRO C 26 -19.73 1.18 -5.73
CA PRO C 26 -20.52 0.00 -6.12
C PRO C 26 -20.01 -0.64 -7.41
N VAL C 27 -19.60 -1.89 -7.32
CA VAL C 27 -19.21 -2.70 -8.48
C VAL C 27 -20.08 -3.97 -8.46
N GLU C 28 -21.08 -4.03 -9.33
CA GLU C 28 -21.98 -5.17 -9.41
C GLU C 28 -21.50 -6.12 -10.51
N LYS C 29 -21.14 -7.33 -10.13
CA LYS C 29 -20.52 -8.35 -10.99
C LYS C 29 -19.18 -7.79 -11.47
N GLN C 30 -18.88 -7.82 -12.76
CA GLN C 30 -17.51 -7.61 -13.22
C GLN C 30 -17.16 -6.13 -13.22
N LEU C 31 -15.88 -5.85 -12.98
CA LEU C 31 -15.38 -4.49 -13.01
C LEU C 31 -15.01 -4.08 -14.43
N ASP C 32 -15.37 -2.85 -14.79
CA ASP C 32 -15.14 -2.31 -16.13
C ASP C 32 -13.97 -1.32 -16.07
N LEU C 33 -12.74 -1.87 -16.12
CA LEU C 33 -11.54 -1.06 -15.98
C LEU C 33 -11.50 0.13 -16.93
N ALA C 34 -12.12 0.00 -18.11
CA ALA C 34 -12.10 1.10 -19.07
C ALA C 34 -12.92 2.30 -18.62
N ALA C 35 -13.88 2.10 -17.71
CA ALA C 35 -14.77 3.15 -17.30
C ALA C 35 -14.45 3.67 -15.90
N LEU C 36 -13.29 3.30 -15.36
CA LEU C 36 -12.95 3.58 -13.97
C LEU C 36 -11.84 4.61 -13.91
N ILE C 37 -12.09 5.71 -13.20
CA ILE C 37 -11.07 6.70 -12.89
C ILE C 37 -11.05 6.89 -11.39
N VAL C 38 -9.86 6.94 -10.81
CA VAL C 38 -9.68 7.02 -9.37
C VAL C 38 -8.63 8.08 -9.09
N TYR C 39 -9.01 9.13 -8.37
CA TYR C 39 -8.07 10.14 -7.91
C TYR C 39 -7.90 10.00 -6.41
N TRP C 40 -6.66 10.06 -5.94
CA TRP C 40 -6.34 10.24 -4.53
C TRP C 40 -5.50 11.50 -4.40
N GLU C 41 -5.95 12.43 -3.56
CA GLU C 41 -5.18 13.65 -3.32
C GLU C 41 -5.24 13.98 -1.84
N MET C 42 -4.32 14.85 -1.41
CA MET C 42 -4.23 15.30 -0.02
C MET C 42 -3.84 16.77 -0.05
N GLU C 43 -4.80 17.65 0.20
CA GLU C 43 -4.61 19.10 0.24
C GLU C 43 -3.78 19.59 -0.95
N ASP C 44 -4.42 19.52 -2.12
CA ASP C 44 -3.91 20.08 -3.37
C ASP C 44 -2.63 19.41 -3.86
N LYS C 45 -2.15 18.37 -3.18
CA LYS C 45 -1.03 17.57 -3.66
C LYS C 45 -1.57 16.23 -4.13
N ASN C 46 -1.46 15.95 -5.42
CA ASN C 46 -1.96 14.69 -5.93
C ASN C 46 -1.12 13.53 -5.43
N ILE C 47 -1.77 12.39 -5.21
CA ILE C 47 -1.11 11.17 -4.77
C ILE C 47 -1.26 10.05 -5.79
N ILE C 48 -2.47 9.84 -6.29
CA ILE C 48 -2.76 8.76 -7.22
C ILE C 48 -3.69 9.29 -8.31
N GLN C 49 -3.41 8.92 -9.54
CA GLN C 49 -4.34 9.13 -10.65
C GLN C 49 -4.37 7.84 -11.46
N PHE C 50 -5.45 7.10 -11.31
CA PHE C 50 -5.64 5.79 -11.92
C PHE C 50 -6.69 5.93 -13.01
N VAL C 51 -6.22 6.07 -14.25
CA VAL C 51 -7.07 6.28 -15.42
C VAL C 51 -6.88 5.11 -16.36
N HIS C 52 -8.00 4.63 -16.91
CA HIS C 52 -8.01 3.39 -17.68
C HIS C 52 -7.52 2.25 -16.79
N GLY C 53 -6.30 1.78 -17.02
CA GLY C 53 -5.86 0.59 -16.32
C GLY C 53 -4.62 0.70 -15.44
N GLU C 54 -3.99 1.87 -15.39
CA GLU C 54 -2.76 1.98 -14.61
C GLU C 54 -2.60 3.39 -14.06
N GLU C 55 -1.85 3.49 -12.97
CA GLU C 55 -1.52 4.75 -12.34
C GLU C 55 -0.79 5.68 -13.31
N ASP C 56 -1.05 6.97 -13.17
CA ASP C 56 -0.32 8.02 -13.88
C ASP C 56 0.75 8.55 -12.95
N LEU C 57 2.01 8.38 -13.34
CA LEU C 57 3.14 8.53 -12.42
C LEU C 57 3.81 9.90 -12.44
N LYS C 58 3.32 10.86 -13.23
CA LYS C 58 3.93 12.18 -13.23
C LYS C 58 3.06 13.27 -12.63
N VAL C 59 1.76 13.01 -12.50
CA VAL C 59 0.90 13.87 -11.70
C VAL C 59 1.31 13.84 -10.23
N GLN C 60 2.00 12.78 -9.82
CA GLN C 60 2.20 12.46 -8.41
C GLN C 60 3.19 13.41 -7.75
N HIS C 61 2.82 13.88 -6.57
CA HIS C 61 3.65 14.80 -5.82
C HIS C 61 4.93 14.12 -5.33
N SER C 62 6.01 14.91 -5.24
CA SER C 62 7.33 14.38 -4.94
C SER C 62 7.36 13.68 -3.59
N SER C 63 6.67 14.25 -2.60
CA SER C 63 6.70 13.72 -1.24
C SER C 63 6.02 12.38 -1.09
N TYR C 64 5.44 11.84 -2.16
CA TYR C 64 4.66 10.62 -2.09
C TYR C 64 5.17 9.51 -2.97
N ARG C 65 6.01 9.81 -3.95
CA ARG C 65 6.68 8.74 -4.69
C ARG C 65 7.52 7.90 -3.74
N GLN C 66 7.63 6.63 -4.06
CA GLN C 66 8.27 5.56 -3.30
C GLN C 66 7.39 5.10 -2.13
N ARG C 67 6.37 5.86 -1.74
CA ARG C 67 5.64 5.61 -0.51
C ARG C 67 4.15 5.37 -0.68
N ALA C 68 3.57 5.70 -1.83
CA ALA C 68 2.13 5.63 -2.03
C ALA C 68 1.80 4.67 -3.17
N ARG C 69 0.85 3.76 -2.94
CA ARG C 69 0.35 2.97 -4.06
C ARG C 69 -1.13 2.65 -3.83
N LEU C 70 -1.84 2.48 -4.95
CA LEU C 70 -3.24 2.09 -4.97
C LEU C 70 -3.35 0.59 -5.14
N LEU C 71 -4.08 -0.08 -4.25
CA LEU C 71 -4.11 -1.55 -4.23
C LEU C 71 -5.10 -2.05 -5.26
N LYS C 72 -4.61 -2.27 -6.48
CA LYS C 72 -5.48 -2.60 -7.61
C LYS C 72 -6.28 -3.88 -7.39
N ASP C 73 -5.74 -4.85 -6.64
CA ASP C 73 -6.42 -6.13 -6.46
C ASP C 73 -7.83 -5.94 -5.95
N GLN C 74 -8.02 -4.98 -5.04
CA GLN C 74 -9.31 -4.81 -4.38
C GLN C 74 -10.30 -4.01 -5.22
N LEU C 75 -9.87 -3.48 -6.38
CA LEU C 75 -10.79 -2.71 -7.21
C LEU C 75 -12.00 -3.55 -7.63
N SER C 76 -11.76 -4.82 -8.01
CA SER C 76 -12.84 -5.73 -8.36
C SER C 76 -13.92 -5.78 -7.29
N LEU C 77 -13.54 -5.68 -6.03
CA LEU C 77 -14.47 -5.70 -4.91
C LEU C 77 -15.11 -4.35 -4.63
N GLY C 78 -14.81 -3.32 -5.42
CA GLY C 78 -15.31 -2.00 -5.14
C GLY C 78 -14.58 -1.29 -4.01
N ASN C 79 -13.25 -1.42 -3.94
CA ASN C 79 -12.48 -0.83 -2.86
C ASN C 79 -11.24 -0.15 -3.47
N ALA C 80 -11.31 1.17 -3.61
CA ALA C 80 -10.12 1.97 -3.92
C ALA C 80 -9.37 2.19 -2.60
N ALA C 81 -8.38 1.35 -2.34
CA ALA C 81 -7.62 1.42 -1.11
C ALA C 81 -6.26 2.03 -1.42
N LEU C 82 -5.89 3.06 -0.65
CA LEU C 82 -4.62 3.74 -0.79
C LEU C 82 -3.73 3.34 0.37
N GLN C 83 -2.53 2.83 0.06
CA GLN C 83 -1.55 2.50 1.08
C GLN C 83 -0.41 3.50 1.02
N ILE C 84 -0.10 4.08 2.18
CA ILE C 84 1.09 4.89 2.39
C ILE C 84 1.99 4.09 3.31
N THR C 85 3.20 3.80 2.86
CA THR C 85 4.18 3.09 3.66
C THR C 85 5.10 4.10 4.33
N ASP C 86 5.54 3.77 5.55
CA ASP C 86 6.50 4.60 6.28
C ASP C 86 5.94 6.00 6.51
N VAL C 87 4.82 6.04 7.26
CA VAL C 87 4.05 7.27 7.42
C VAL C 87 4.90 8.39 8.02
N LYS C 88 4.75 9.58 7.46
CA LYS C 88 5.42 10.79 7.92
C LYS C 88 4.43 11.75 8.57
N LEU C 89 4.98 12.73 9.29
CA LEU C 89 4.13 13.74 9.93
C LEU C 89 3.41 14.61 8.91
N GLN C 90 4.04 14.86 7.75
CA GLN C 90 3.40 15.58 6.66
C GLN C 90 2.22 14.84 6.07
N ASP C 91 2.07 13.54 6.33
CA ASP C 91 0.92 12.85 5.75
C ASP C 91 -0.36 13.15 6.49
N ALA C 92 -0.31 13.91 7.58
CA ALA C 92 -1.53 14.32 8.26
C ALA C 92 -2.27 15.38 7.45
N GLY C 93 -3.58 15.21 7.34
CA GLY C 93 -4.41 16.17 6.63
C GLY C 93 -5.64 15.49 6.08
N VAL C 94 -6.35 16.23 5.24
CA VAL C 94 -7.62 15.77 4.67
C VAL C 94 -7.33 15.15 3.31
N TYR C 95 -7.49 13.84 3.22
CA TYR C 95 -7.41 13.11 1.96
C TYR C 95 -8.76 13.14 1.26
N ARG C 96 -8.72 13.23 -0.06
CA ARG C 96 -9.91 13.17 -0.91
C ARG C 96 -9.74 12.03 -1.90
N CYS C 97 -10.79 11.22 -2.06
CA CYS C 97 -10.82 10.21 -3.11
C CYS C 97 -11.97 10.52 -4.05
N MET C 98 -11.62 10.83 -5.30
CA MET C 98 -12.58 11.01 -6.37
C MET C 98 -12.70 9.71 -7.16
N ILE C 99 -13.93 9.35 -7.49
CA ILE C 99 -14.14 8.15 -8.29
C ILE C 99 -15.16 8.48 -9.36
N SER C 100 -14.81 8.11 -10.59
CA SER C 100 -15.72 8.10 -11.72
C SER C 100 -15.89 6.65 -12.16
N TYR C 101 -17.13 6.17 -12.13
CA TYR C 101 -17.46 4.81 -12.54
C TYR C 101 -18.93 4.83 -12.94
N GLY C 102 -19.18 5.20 -14.20
CA GLY C 102 -20.54 5.58 -14.56
C GLY C 102 -20.84 6.93 -13.97
N GLY C 103 -21.36 6.96 -12.75
CA GLY C 103 -21.49 8.20 -12.02
C GLY C 103 -20.17 8.68 -11.47
N ALA C 104 -20.24 9.60 -10.52
CA ALA C 104 -19.02 10.15 -9.95
C ALA C 104 -19.35 10.69 -8.56
N ASP C 105 -18.35 10.64 -7.68
CA ASP C 105 -18.52 11.03 -6.27
C ASP C 105 -17.13 11.11 -5.66
N TYR C 106 -17.02 11.85 -4.56
CA TYR C 106 -15.76 11.96 -3.85
C TYR C 106 -16.04 12.05 -2.36
N LYS C 107 -15.06 11.61 -1.56
CA LYS C 107 -15.21 11.67 -0.11
C LYS C 107 -13.91 12.11 0.56
N ARG C 108 -14.04 12.50 1.83
CA ARG C 108 -12.95 13.04 2.61
C ARG C 108 -12.62 12.15 3.79
N ILE C 109 -11.33 12.07 4.12
CA ILE C 109 -10.81 11.25 5.21
C ILE C 109 -9.75 12.07 5.92
N THR C 110 -9.83 12.16 7.24
CA THR C 110 -8.86 12.93 8.02
C THR C 110 -7.82 11.99 8.59
N VAL C 111 -6.55 12.23 8.28
CA VAL C 111 -5.46 11.44 8.81
C VAL C 111 -4.68 12.26 9.81
N LYS C 112 -4.53 11.74 11.02
CA LYS C 112 -3.66 12.35 12.00
C LYS C 112 -2.51 11.41 12.29
N VAL C 113 -1.33 11.99 12.44
CA VAL C 113 -0.10 11.23 12.67
C VAL C 113 0.38 11.56 14.07
N ASN C 114 0.53 10.54 14.91
CA ASN C 114 1.27 10.64 16.14
C ASN C 114 2.75 10.37 15.86
N ALA C 115 3.62 11.02 16.63
CA ALA C 115 5.06 10.82 16.47
C ALA C 115 5.77 11.00 17.79
N PRO C 116 6.86 10.29 18.01
CA PRO C 116 7.70 10.55 19.19
C PRO C 116 8.52 11.82 18.97
N TYR C 117 9.21 12.25 20.03
CA TYR C 117 9.82 13.57 20.04
C TYR C 117 10.88 13.72 18.95
N ALA C 118 11.72 12.69 18.75
CA ALA C 118 12.78 12.77 17.75
C ALA C 118 12.23 13.15 16.37
N ALA C 119 11.27 12.35 15.86
CA ALA C 119 10.66 12.65 14.56
C ALA C 119 9.99 14.01 14.55
N ALA C 120 9.34 14.38 15.66
CA ALA C 120 8.65 15.65 15.67
C ALA C 120 9.63 16.81 15.60
N LEU C 121 10.81 16.65 16.20
CA LEU C 121 11.84 17.67 16.12
C LEU C 121 12.39 17.78 14.71
N GLU C 122 12.66 16.64 14.07
CA GLU C 122 13.10 16.68 12.69
C GLU C 122 12.09 17.42 11.82
N HIS C 123 10.81 17.05 11.92
CA HIS C 123 9.80 17.69 11.10
C HIS C 123 9.58 19.15 11.49
N HIS C 124 9.83 19.49 12.75
CA HIS C 124 9.63 20.87 13.21
C HIS C 124 10.71 21.79 12.66
N HIS C 125 11.94 21.28 12.57
CA HIS C 125 13.05 22.10 12.12
C HIS C 125 13.30 22.02 10.62
N HIS C 126 12.81 20.98 9.94
CA HIS C 126 13.04 20.83 8.51
C HIS C 126 11.71 20.74 7.74
N ALA D 1 -22.11 -14.87 18.52
CA ALA D 1 -21.21 -15.95 18.13
C ALA D 1 -20.12 -15.45 17.16
N PHE D 2 -18.88 -15.89 17.38
CA PHE D 2 -17.77 -15.46 16.54
C PHE D 2 -17.85 -16.15 15.18
N THR D 3 -17.78 -15.35 14.12
CA THR D 3 -18.06 -15.89 12.79
C THR D 3 -17.22 -15.18 11.75
N VAL D 4 -16.41 -15.96 11.01
CA VAL D 4 -15.68 -15.44 9.87
C VAL D 4 -16.60 -15.46 8.65
N THR D 5 -16.65 -14.35 7.91
CA THR D 5 -17.45 -14.24 6.71
C THR D 5 -16.55 -13.90 5.52
N VAL D 6 -16.86 -14.45 4.36
CA VAL D 6 -16.11 -14.21 3.14
C VAL D 6 -17.04 -13.55 2.12
N PRO D 7 -16.75 -12.32 1.69
CA PRO D 7 -17.60 -11.71 0.65
C PRO D 7 -17.58 -12.46 -0.66
N LYS D 8 -16.47 -13.12 -1.00
CA LYS D 8 -16.38 -14.04 -2.13
C LYS D 8 -15.80 -15.35 -1.64
N ASP D 9 -16.52 -16.44 -1.88
CA ASP D 9 -15.96 -17.78 -1.72
C ASP D 9 -15.44 -18.34 -3.05
N LEU D 10 -15.32 -17.50 -4.08
CA LEU D 10 -14.78 -17.93 -5.36
C LEU D 10 -14.10 -16.77 -6.06
N TYR D 11 -12.84 -16.94 -6.44
CA TYR D 11 -12.10 -15.96 -7.23
C TYR D 11 -11.65 -16.60 -8.54
N VAL D 12 -11.79 -15.85 -9.63
CA VAL D 12 -11.28 -16.25 -10.94
C VAL D 12 -10.18 -15.26 -11.28
N VAL D 13 -8.94 -15.74 -11.22
CA VAL D 13 -7.74 -14.91 -11.36
C VAL D 13 -7.05 -15.28 -12.67
N GLU D 14 -6.39 -14.29 -13.28
CA GLU D 14 -5.61 -14.54 -14.49
C GLU D 14 -4.17 -14.88 -14.08
N TYR D 15 -3.59 -15.85 -14.78
CA TYR D 15 -2.18 -16.16 -14.60
C TYR D 15 -1.34 -14.89 -14.62
N GLY D 16 -0.35 -14.82 -13.73
CA GLY D 16 0.57 -13.70 -13.70
C GLY D 16 0.06 -12.45 -13.02
N SER D 17 -1.20 -12.40 -12.61
CA SER D 17 -1.70 -11.22 -11.94
C SER D 17 -1.49 -11.35 -10.44
N ASN D 18 -2.02 -10.39 -9.69
CA ASN D 18 -2.02 -10.44 -8.24
C ASN D 18 -3.44 -10.62 -7.76
N MET D 19 -3.61 -11.42 -6.73
CA MET D 19 -4.93 -11.54 -6.12
C MET D 19 -4.82 -11.25 -4.63
N THR D 20 -5.83 -10.56 -4.10
CA THR D 20 -6.01 -10.41 -2.66
C THR D 20 -7.36 -11.03 -2.31
N ILE D 21 -7.36 -12.03 -1.43
CA ILE D 21 -8.59 -12.70 -1.00
C ILE D 21 -8.84 -12.34 0.45
N GLU D 22 -10.11 -12.10 0.79
CA GLU D 22 -10.48 -11.51 2.06
C GLU D 22 -11.17 -12.53 2.98
N CYS D 23 -10.89 -12.41 4.28
CA CYS D 23 -11.66 -13.09 5.34
C CYS D 23 -12.05 -12.07 6.39
N LYS D 24 -13.34 -11.75 6.48
CA LYS D 24 -13.81 -10.77 7.44
C LYS D 24 -14.04 -11.40 8.81
N PHE D 25 -13.62 -10.70 9.86
CA PHE D 25 -13.89 -11.15 11.22
C PHE D 25 -14.25 -9.94 12.08
N PRO D 26 -15.12 -10.13 13.08
CA PRO D 26 -15.63 -8.97 13.82
C PRO D 26 -14.63 -8.41 14.82
N VAL D 27 -14.33 -7.13 14.68
CA VAL D 27 -13.43 -6.41 15.58
C VAL D 27 -14.20 -5.26 16.19
N GLU D 28 -14.33 -5.26 17.52
CA GLU D 28 -15.01 -4.20 18.24
C GLU D 28 -13.98 -3.19 18.76
N LYS D 29 -14.25 -1.90 18.51
CA LYS D 29 -13.39 -0.80 18.95
C LYS D 29 -12.00 -0.99 18.36
N GLN D 30 -10.94 -1.02 19.15
CA GLN D 30 -9.59 -1.16 18.63
C GLN D 30 -9.11 -2.59 18.79
N LEU D 31 -8.37 -3.07 17.79
CA LEU D 31 -7.90 -4.45 17.76
C LEU D 31 -6.83 -4.69 18.83
N ASP D 32 -6.81 -5.91 19.35
CA ASP D 32 -5.79 -6.34 20.31
C ASP D 32 -4.98 -7.45 19.65
N LEU D 33 -3.80 -7.09 19.14
CA LEU D 33 -2.96 -8.03 18.39
C LEU D 33 -2.63 -9.28 19.19
N ALA D 34 -2.41 -9.13 20.51
CA ALA D 34 -2.00 -10.27 21.32
C ALA D 34 -3.01 -11.41 21.27
N ALA D 35 -4.30 -11.09 21.08
CA ALA D 35 -5.33 -12.11 21.08
C ALA D 35 -5.66 -12.65 19.70
N LEU D 36 -4.98 -12.16 18.66
CA LEU D 36 -5.34 -12.47 17.29
C LEU D 36 -4.43 -13.55 16.72
N ILE D 37 -5.03 -14.58 16.13
CA ILE D 37 -4.29 -15.61 15.41
C ILE D 37 -4.92 -15.74 14.04
N VAL D 38 -4.09 -15.77 12.99
CA VAL D 38 -4.57 -15.91 11.62
C VAL D 38 -3.74 -16.98 10.93
N TYR D 39 -4.38 -18.08 10.53
CA TYR D 39 -3.77 -19.09 9.67
C TYR D 39 -4.34 -18.95 8.27
N TRP D 40 -3.45 -18.89 7.28
CA TRP D 40 -3.86 -18.98 5.88
C TRP D 40 -3.24 -20.21 5.26
N GLU D 41 -4.08 -21.06 4.67
CA GLU D 41 -3.68 -22.38 4.21
C GLU D 41 -4.27 -22.66 2.85
N MET D 42 -3.69 -23.64 2.16
CA MET D 42 -4.18 -24.07 0.85
C MET D 42 -3.81 -25.54 0.69
N GLU D 43 -4.82 -26.40 0.60
CA GLU D 43 -4.65 -27.87 0.58
C GLU D 43 -3.52 -28.32 1.50
N ASP D 44 -3.65 -28.00 2.79
CA ASP D 44 -2.72 -28.45 3.83
C ASP D 44 -1.28 -27.95 3.64
N LYS D 45 -1.07 -26.91 2.83
CA LYS D 45 0.19 -26.20 2.79
C LYS D 45 0.00 -24.84 3.46
N ASN D 46 0.86 -24.52 4.42
CA ASN D 46 0.70 -23.28 5.18
C ASN D 46 1.21 -22.09 4.38
N ILE D 47 0.36 -21.08 4.25
CA ILE D 47 0.73 -19.85 3.58
C ILE D 47 1.13 -18.77 4.59
N ILE D 48 0.30 -18.56 5.60
CA ILE D 48 0.51 -17.53 6.60
C ILE D 48 0.26 -18.14 7.98
N GLN D 49 1.11 -17.78 8.93
CA GLN D 49 0.92 -18.11 10.34
C GLN D 49 1.21 -16.84 11.12
N PHE D 50 0.16 -16.09 11.42
CA PHE D 50 0.26 -14.77 12.04
C PHE D 50 -0.19 -14.89 13.50
N VAL D 51 0.78 -14.98 14.40
CA VAL D 51 0.53 -15.03 15.84
C VAL D 51 1.15 -13.79 16.48
N HIS D 52 0.58 -13.39 17.61
CA HIS D 52 1.04 -12.22 18.36
C HIS D 52 0.97 -10.98 17.48
N GLY D 53 2.08 -10.59 16.88
CA GLY D 53 2.09 -9.33 16.15
C GLY D 53 2.67 -9.38 14.76
N GLU D 54 3.40 -10.44 14.43
CA GLU D 54 4.03 -10.58 13.13
C GLU D 54 3.89 -12.02 12.65
N GLU D 55 4.32 -12.25 11.42
CA GLU D 55 4.12 -13.54 10.77
C GLU D 55 5.12 -14.57 11.30
N ASP D 56 4.94 -15.82 10.86
CA ASP D 56 5.84 -16.93 11.16
C ASP D 56 6.12 -17.64 9.85
N LEU D 57 7.40 -17.71 9.46
CA LEU D 57 7.76 -18.13 8.12
C LEU D 57 8.53 -19.43 8.05
N LYS D 58 9.02 -19.97 9.17
CA LYS D 58 9.59 -21.32 9.08
C LYS D 58 8.52 -22.38 8.88
N VAL D 59 7.25 -22.02 9.00
CA VAL D 59 6.14 -22.91 8.67
C VAL D 59 5.67 -22.73 7.23
N GLN D 60 6.14 -21.69 6.54
CA GLN D 60 5.60 -21.32 5.24
C GLN D 60 6.06 -22.29 4.16
N HIS D 61 5.10 -22.83 3.41
CA HIS D 61 5.42 -23.73 2.33
C HIS D 61 6.29 -23.05 1.28
N SER D 62 7.09 -23.85 0.58
CA SER D 62 8.12 -23.31 -0.30
C SER D 62 7.51 -22.56 -1.48
N SER D 63 6.45 -23.09 -2.06
CA SER D 63 5.87 -22.47 -3.24
C SER D 63 5.25 -21.11 -2.96
N TYR D 64 5.26 -20.63 -1.73
CA TYR D 64 4.66 -19.34 -1.42
C TYR D 64 5.67 -18.31 -0.92
N ARG D 65 6.95 -18.65 -0.88
CA ARG D 65 7.93 -17.76 -0.27
C ARG D 65 8.10 -16.50 -1.11
N GLN D 66 8.08 -15.34 -0.45
CA GLN D 66 8.17 -14.01 -1.04
C GLN D 66 7.07 -13.72 -2.05
N ARG D 67 6.02 -14.55 -2.09
CA ARG D 67 4.86 -14.27 -2.93
C ARG D 67 3.62 -13.91 -2.14
N ALA D 68 3.50 -14.40 -0.91
CA ALA D 68 2.29 -14.26 -0.11
C ALA D 68 2.49 -13.21 0.98
N ARG D 69 1.40 -12.61 1.42
CA ARG D 69 1.50 -11.55 2.42
C ARG D 69 0.14 -11.35 3.08
N LEU D 70 0.15 -11.22 4.41
CA LEU D 70 -1.03 -10.78 5.15
C LEU D 70 -1.03 -9.26 5.20
N LEU D 71 -2.12 -8.64 4.73
CA LEU D 71 -2.20 -7.19 4.71
C LEU D 71 -2.48 -6.63 6.12
N LYS D 72 -1.41 -6.35 6.87
CA LYS D 72 -1.54 -6.05 8.30
C LYS D 72 -2.38 -4.80 8.55
N ASP D 73 -2.22 -3.76 7.72
CA ASP D 73 -2.96 -2.51 7.92
C ASP D 73 -4.45 -2.75 8.08
N GLN D 74 -4.99 -3.71 7.36
CA GLN D 74 -6.43 -3.87 7.34
C GLN D 74 -6.95 -4.81 8.42
N LEU D 75 -6.04 -5.45 9.19
CA LEU D 75 -6.48 -6.32 10.28
C LEU D 75 -7.33 -5.54 11.30
N SER D 76 -6.93 -4.31 11.62
CA SER D 76 -7.70 -3.49 12.55
C SER D 76 -9.08 -3.15 12.02
N LEU D 77 -9.31 -3.30 10.72
CA LEU D 77 -10.60 -3.07 10.10
C LEU D 77 -11.42 -4.35 9.99
N GLY D 78 -11.04 -5.41 10.70
CA GLY D 78 -11.76 -6.67 10.62
C GLY D 78 -11.52 -7.49 9.37
N ASN D 79 -10.51 -7.15 8.58
CA ASN D 79 -10.22 -7.88 7.35
C ASN D 79 -8.90 -8.63 7.51
N ALA D 80 -8.91 -9.93 7.21
CA ALA D 80 -7.69 -10.74 7.09
C ALA D 80 -7.51 -10.99 5.60
N ALA D 81 -6.76 -10.10 4.95
CA ALA D 81 -6.58 -10.15 3.51
C ALA D 81 -5.22 -10.76 3.19
N LEU D 82 -5.23 -11.81 2.37
CA LEU D 82 -4.01 -12.43 1.90
C LEU D 82 -3.78 -12.04 0.44
N GLN D 83 -2.58 -11.55 0.15
CA GLN D 83 -2.19 -11.19 -1.21
C GLN D 83 -1.17 -12.20 -1.71
N ILE D 84 -1.47 -12.80 -2.87
CA ILE D 84 -0.56 -13.65 -3.62
C ILE D 84 -0.15 -12.86 -4.85
N THR D 85 1.15 -12.56 -4.95
CA THR D 85 1.67 -11.94 -6.15
C THR D 85 2.03 -13.01 -7.18
N ASP D 86 1.87 -12.65 -8.45
CA ASP D 86 2.29 -13.47 -9.58
C ASP D 86 1.66 -14.87 -9.52
N VAL D 87 0.34 -14.87 -9.67
CA VAL D 87 -0.43 -16.09 -9.50
C VAL D 87 -0.03 -17.09 -10.57
N LYS D 88 0.25 -18.31 -10.12
CA LYS D 88 0.59 -19.41 -11.00
C LYS D 88 -0.53 -20.45 -10.93
N LEU D 89 -0.55 -21.33 -11.92
CA LEU D 89 -1.58 -22.36 -11.96
C LEU D 89 -1.59 -23.22 -10.70
N GLN D 90 -0.44 -23.40 -10.05
CA GLN D 90 -0.41 -24.16 -8.80
C GLN D 90 -1.20 -23.49 -7.69
N ASP D 91 -1.55 -22.21 -7.85
CA ASP D 91 -2.29 -21.50 -6.83
C ASP D 91 -3.79 -21.80 -6.86
N ALA D 92 -4.26 -22.59 -7.83
CA ALA D 92 -5.67 -22.94 -7.84
C ALA D 92 -5.98 -23.96 -6.75
N GLY D 93 -7.17 -23.86 -6.21
CA GLY D 93 -7.57 -24.76 -5.16
C GLY D 93 -8.36 -24.02 -4.11
N VAL D 94 -8.53 -24.68 -2.97
CA VAL D 94 -9.38 -24.22 -1.89
C VAL D 94 -8.48 -23.69 -0.78
N TYR D 95 -8.55 -22.39 -0.53
CA TYR D 95 -7.86 -21.75 0.57
C TYR D 95 -8.72 -21.77 1.83
N ARG D 96 -8.05 -21.83 2.98
CA ARG D 96 -8.69 -21.80 4.28
C ARG D 96 -8.11 -20.65 5.08
N CYS D 97 -8.99 -19.89 5.73
CA CYS D 97 -8.57 -18.89 6.70
C CYS D 97 -9.12 -19.27 8.07
N MET D 98 -8.22 -19.68 8.97
CA MET D 98 -8.54 -19.88 10.37
C MET D 98 -8.26 -18.58 11.12
N ILE D 99 -9.23 -18.14 11.93
CA ILE D 99 -9.08 -16.91 12.71
C ILE D 99 -9.52 -17.17 14.13
N SER D 100 -8.64 -16.86 15.08
CA SER D 100 -8.94 -16.89 16.50
C SER D 100 -8.88 -15.46 17.02
N TYR D 101 -9.99 -14.99 17.60
CA TYR D 101 -10.06 -13.66 18.21
C TYR D 101 -11.12 -13.73 19.30
N GLY D 102 -10.75 -14.30 20.44
CA GLY D 102 -11.74 -14.64 21.43
C GLY D 102 -12.44 -15.91 21.02
N GLY D 103 -13.39 -15.82 20.11
CA GLY D 103 -13.90 -16.98 19.43
C GLY D 103 -12.91 -17.53 18.42
N ALA D 104 -13.39 -18.46 17.60
CA ALA D 104 -12.59 -19.05 16.55
C ALA D 104 -13.52 -19.48 15.42
N ASP D 105 -13.02 -19.43 14.19
CA ASP D 105 -13.79 -19.81 13.02
C ASP D 105 -12.83 -19.95 11.85
N TYR D 106 -13.34 -20.54 10.76
CA TYR D 106 -12.52 -20.70 9.57
C TYR D 106 -13.46 -20.77 8.38
N LYS D 107 -13.06 -20.18 7.27
CA LYS D 107 -13.86 -20.23 6.04
C LYS D 107 -12.99 -20.66 4.87
N ARG D 108 -13.67 -21.19 3.84
CA ARG D 108 -13.02 -21.67 2.64
C ARG D 108 -13.32 -20.75 1.47
N ILE D 109 -12.33 -20.58 0.59
CA ILE D 109 -12.43 -19.76 -0.61
C ILE D 109 -11.84 -20.56 -1.74
N THR D 110 -12.48 -20.52 -2.90
CA THR D 110 -12.00 -21.28 -4.04
C THR D 110 -11.35 -20.33 -5.02
N VAL D 111 -10.15 -20.69 -5.49
CA VAL D 111 -9.42 -19.89 -6.46
C VAL D 111 -9.28 -20.72 -7.72
N LYS D 112 -9.73 -20.16 -8.85
CA LYS D 112 -9.52 -20.77 -10.14
C LYS D 112 -8.65 -19.85 -10.97
N VAL D 113 -7.69 -20.43 -11.66
CA VAL D 113 -6.67 -19.69 -12.38
C VAL D 113 -6.86 -19.96 -13.86
N ASN D 114 -7.05 -18.87 -14.62
CA ASN D 114 -7.08 -18.93 -16.07
C ASN D 114 -5.68 -18.68 -16.62
N ALA D 115 -5.28 -19.49 -17.60
CA ALA D 115 -3.97 -19.27 -18.22
C ALA D 115 -4.02 -19.50 -19.73
N PRO D 116 -3.29 -18.71 -20.50
CA PRO D 116 -3.12 -19.00 -21.93
C PRO D 116 -2.33 -20.28 -22.16
N TYR D 117 -2.35 -20.73 -23.43
CA TYR D 117 -1.81 -22.05 -23.76
C TYR D 117 -0.33 -22.16 -23.40
N ALA D 118 0.43 -21.09 -23.62
CA ALA D 118 1.88 -21.12 -23.38
C ALA D 118 2.19 -21.44 -21.92
N ALA D 119 1.64 -20.65 -21.00
CA ALA D 119 1.87 -20.88 -19.58
C ALA D 119 1.29 -22.20 -19.12
N ALA D 120 0.14 -22.60 -19.68
CA ALA D 120 -0.42 -23.88 -19.26
C ALA D 120 0.41 -25.04 -19.77
N LEU D 121 1.10 -24.85 -20.91
CA LEU D 121 2.03 -25.84 -21.41
C LEU D 121 3.24 -25.96 -20.49
N GLU D 122 3.80 -24.81 -20.08
CA GLU D 122 4.89 -24.83 -19.11
C GLU D 122 4.47 -25.57 -17.84
N HIS D 123 3.30 -25.22 -17.28
CA HIS D 123 2.83 -25.88 -16.07
C HIS D 123 2.53 -27.35 -16.31
N HIS D 124 2.06 -27.69 -17.51
CA HIS D 124 1.71 -29.07 -17.82
C HIS D 124 2.95 -29.93 -17.89
N HIS D 125 4.06 -29.36 -18.37
CA HIS D 125 5.32 -30.09 -18.35
C HIS D 125 5.75 -30.44 -16.93
N HIS D 126 5.48 -29.58 -15.95
CA HIS D 126 5.87 -29.84 -14.57
C HIS D 126 4.72 -30.27 -13.68
N ALA E 1 -7.17 11.35 -23.91
CA ALA E 1 -6.97 11.69 -22.50
C ALA E 1 -7.78 12.93 -22.10
N PHE E 2 -8.85 12.69 -21.35
CA PHE E 2 -9.70 13.78 -20.90
C PHE E 2 -8.95 14.68 -19.92
N THR E 3 -9.14 15.98 -20.06
CA THR E 3 -8.37 16.95 -19.29
C THR E 3 -9.16 18.26 -19.21
N VAL E 4 -9.33 18.76 -18.00
CA VAL E 4 -9.99 20.05 -17.80
C VAL E 4 -8.92 21.12 -17.72
N THR E 5 -9.10 22.22 -18.44
CA THR E 5 -8.16 23.32 -18.37
C THR E 5 -8.86 24.57 -17.85
N VAL E 6 -8.06 25.52 -17.36
CA VAL E 6 -8.57 26.77 -16.82
C VAL E 6 -7.86 27.93 -17.51
N PRO E 7 -8.56 28.82 -18.20
CA PRO E 7 -7.89 30.00 -18.76
C PRO E 7 -7.22 30.84 -17.68
N LYS E 8 -7.87 30.96 -16.53
CA LYS E 8 -7.35 31.71 -15.40
C LYS E 8 -7.52 30.86 -14.16
N ASP E 9 -6.40 30.54 -13.50
CA ASP E 9 -6.47 29.90 -12.20
C ASP E 9 -6.51 30.92 -11.06
N LEU E 10 -6.58 32.21 -11.38
CA LEU E 10 -6.79 33.24 -10.37
C LEU E 10 -7.72 34.31 -10.90
N TYR E 11 -8.74 34.67 -10.11
CA TYR E 11 -9.61 35.80 -10.38
C TYR E 11 -9.52 36.78 -9.22
N VAL E 12 -9.53 38.06 -9.54
CA VAL E 12 -9.51 39.14 -8.55
C VAL E 12 -10.74 39.98 -8.82
N VAL E 13 -11.87 39.63 -8.20
CA VAL E 13 -13.09 40.37 -8.41
C VAL E 13 -13.24 41.41 -7.32
N GLU E 14 -14.37 42.08 -7.33
CA GLU E 14 -14.64 43.23 -6.49
C GLU E 14 -15.89 42.94 -5.67
N TYR E 15 -15.83 43.26 -4.38
CA TYR E 15 -16.95 43.03 -3.48
C TYR E 15 -18.19 43.73 -4.00
N GLY E 16 -19.22 42.96 -4.32
CA GLY E 16 -20.47 43.49 -4.83
C GLY E 16 -20.71 43.22 -6.30
N SER E 17 -19.66 42.92 -7.06
CA SER E 17 -19.81 42.75 -8.50
C SER E 17 -20.35 41.36 -8.82
N ASN E 18 -20.29 40.99 -10.08
CA ASN E 18 -20.67 39.67 -10.55
C ASN E 18 -19.45 38.95 -11.10
N MET E 19 -19.36 37.66 -10.82
CA MET E 19 -18.17 36.87 -11.05
C MET E 19 -18.47 35.72 -12.00
N THR E 20 -17.54 35.43 -12.89
CA THR E 20 -17.68 34.30 -13.80
C THR E 20 -16.34 33.59 -13.88
N ILE E 21 -16.29 32.37 -13.37
CA ILE E 21 -15.10 31.53 -13.43
C ILE E 21 -15.41 30.36 -14.37
N GLU E 22 -14.42 29.96 -15.16
CA GLU E 22 -14.63 29.02 -16.25
C GLU E 22 -13.71 27.81 -16.14
N CYS E 23 -14.23 26.65 -16.54
CA CYS E 23 -13.45 25.42 -16.64
C CYS E 23 -13.70 24.81 -18.01
N LYS E 24 -12.64 24.63 -18.78
CA LYS E 24 -12.76 24.14 -20.16
C LYS E 24 -12.64 22.62 -20.19
N PHE E 25 -13.58 21.98 -20.87
CA PHE E 25 -13.52 20.53 -21.07
C PHE E 25 -13.73 20.24 -22.56
N PRO E 26 -12.92 19.35 -23.14
CA PRO E 26 -12.96 19.14 -24.60
C PRO E 26 -14.25 18.45 -25.03
N VAL E 27 -15.04 19.16 -25.83
CA VAL E 27 -16.27 18.63 -26.39
C VAL E 27 -16.05 18.38 -27.87
N GLU E 28 -16.24 17.13 -28.27
CA GLU E 28 -16.28 16.76 -29.68
C GLU E 28 -17.74 16.66 -30.12
N LYS E 29 -17.95 16.85 -31.42
CA LYS E 29 -19.28 16.70 -32.03
C LYS E 29 -20.23 17.66 -31.33
N GLN E 30 -21.51 17.29 -31.24
CA GLN E 30 -22.45 18.02 -30.41
C GLN E 30 -22.50 17.37 -29.03
N LEU E 31 -22.81 18.19 -28.03
CA LEU E 31 -22.70 17.76 -26.65
C LEU E 31 -23.75 16.70 -26.30
N ASP E 32 -23.27 15.55 -25.79
CA ASP E 32 -24.13 14.50 -25.25
C ASP E 32 -24.34 14.79 -23.76
N LEU E 33 -25.41 15.52 -23.45
CA LEU E 33 -25.69 15.95 -22.08
C LEU E 33 -25.98 14.81 -21.12
N ALA E 34 -26.20 13.60 -21.62
CA ALA E 34 -26.50 12.47 -20.75
C ALA E 34 -25.27 12.03 -19.96
N ALA E 35 -24.08 12.29 -20.50
CA ALA E 35 -22.84 11.79 -19.92
C ALA E 35 -22.01 12.87 -19.26
N LEU E 36 -22.55 14.09 -19.14
CA LEU E 36 -21.83 15.21 -18.56
C LEU E 36 -22.22 15.40 -17.10
N ILE E 37 -21.22 15.51 -16.23
CA ILE E 37 -21.42 15.80 -14.81
C ILE E 37 -20.50 16.96 -14.46
N VAL E 38 -21.08 18.09 -14.07
CA VAL E 38 -20.30 19.25 -13.66
C VAL E 38 -20.57 19.50 -12.18
N TYR E 39 -19.51 19.64 -11.40
CA TYR E 39 -19.59 19.79 -9.95
C TYR E 39 -18.71 20.97 -9.56
N TRP E 40 -19.33 22.10 -9.29
CA TRP E 40 -18.65 23.28 -8.78
C TRP E 40 -18.79 23.30 -7.27
N GLU E 41 -17.67 23.39 -6.57
CA GLU E 41 -17.69 23.49 -5.12
C GLU E 41 -16.61 24.46 -4.68
N MET E 42 -16.63 24.78 -3.39
CA MET E 42 -15.67 25.74 -2.84
C MET E 42 -15.50 25.42 -1.36
N GLU E 43 -14.35 24.85 -1.01
CA GLU E 43 -14.03 24.46 0.36
C GLU E 43 -15.15 23.61 0.96
N ASP E 44 -15.42 22.49 0.30
CA ASP E 44 -16.39 21.49 0.72
C ASP E 44 -17.82 22.02 0.77
N LYS E 45 -18.12 23.09 0.05
CA LYS E 45 -19.49 23.61 -0.07
C LYS E 45 -19.95 23.48 -1.51
N ASN E 46 -21.01 22.70 -1.74
CA ASN E 46 -21.42 22.46 -3.12
C ASN E 46 -22.08 23.70 -3.69
N ILE E 47 -21.63 24.10 -4.87
CA ILE E 47 -22.20 25.25 -5.57
C ILE E 47 -23.14 24.83 -6.69
N ILE E 48 -22.68 23.96 -7.59
CA ILE E 48 -23.53 23.52 -8.70
C ILE E 48 -23.29 22.04 -8.95
N GLN E 49 -24.37 21.26 -9.03
CA GLN E 49 -24.30 19.84 -9.33
C GLN E 49 -25.12 19.60 -10.58
N PHE E 50 -24.54 19.92 -11.74
CA PHE E 50 -25.19 19.73 -13.03
C PHE E 50 -25.07 18.28 -13.44
N VAL E 51 -26.21 17.57 -13.44
CA VAL E 51 -26.28 16.16 -13.82
C VAL E 51 -27.48 15.98 -14.75
N HIS E 52 -27.34 15.05 -15.69
CA HIS E 52 -28.42 14.57 -16.56
C HIS E 52 -29.10 15.70 -17.35
N GLY E 53 -28.49 16.88 -17.42
CA GLY E 53 -29.06 18.00 -18.15
C GLY E 53 -29.72 19.07 -17.31
N GLU E 54 -29.74 18.92 -15.99
CA GLU E 54 -30.34 19.91 -15.10
C GLU E 54 -29.40 20.19 -13.94
N GLU E 55 -29.73 21.23 -13.18
CA GLU E 55 -29.00 21.57 -11.97
C GLU E 55 -29.64 20.87 -10.78
N ASP E 56 -28.80 20.41 -9.86
CA ASP E 56 -29.25 19.72 -8.66
C ASP E 56 -28.91 20.60 -7.46
N LEU E 57 -29.94 21.21 -6.86
CA LEU E 57 -29.76 22.27 -5.89
C LEU E 57 -30.01 21.84 -4.45
N LYS E 58 -30.32 20.56 -4.20
CA LYS E 58 -30.70 20.15 -2.86
C LYS E 58 -29.50 20.11 -1.92
N VAL E 59 -28.37 19.57 -2.39
CA VAL E 59 -27.14 19.62 -1.61
C VAL E 59 -26.43 20.96 -1.74
N GLN E 60 -26.90 21.83 -2.61
CA GLN E 60 -26.33 23.15 -2.76
C GLN E 60 -26.36 23.91 -1.43
N HIS E 61 -25.25 24.56 -1.09
CA HIS E 61 -25.15 25.31 0.15
C HIS E 61 -26.02 26.56 0.11
N SER E 62 -26.50 26.96 1.29
CA SER E 62 -27.45 28.05 1.39
C SER E 62 -26.89 29.35 0.85
N SER E 63 -25.61 29.62 1.11
CA SER E 63 -24.99 30.88 0.70
C SER E 63 -24.93 31.05 -0.81
N TYR E 64 -25.17 29.99 -1.59
CA TYR E 64 -25.14 30.09 -3.05
C TYR E 64 -26.52 29.95 -3.67
N ARG E 65 -27.58 29.88 -2.86
CA ARG E 65 -28.93 29.72 -3.38
C ARG E 65 -29.35 30.97 -4.14
N GLN E 66 -29.74 30.78 -5.41
CA GLN E 66 -30.21 31.84 -6.30
C GLN E 66 -29.14 32.90 -6.57
N ARG E 67 -27.88 32.57 -6.26
CA ARG E 67 -26.73 33.39 -6.64
C ARG E 67 -25.78 32.68 -7.58
N ALA E 68 -25.89 31.36 -7.72
CA ALA E 68 -24.96 30.56 -8.49
C ALA E 68 -25.66 30.01 -9.71
N ARG E 69 -25.01 30.14 -10.87
CA ARG E 69 -25.56 29.68 -12.13
C ARG E 69 -24.48 28.96 -12.93
N LEU E 70 -24.93 28.10 -13.85
CA LEU E 70 -24.04 27.45 -14.81
C LEU E 70 -24.54 27.80 -16.21
N LEU E 71 -23.73 28.51 -16.97
CA LEU E 71 -24.10 28.94 -18.31
C LEU E 71 -24.22 27.72 -19.21
N LYS E 72 -25.45 27.26 -19.43
CA LYS E 72 -25.65 26.05 -20.22
C LYS E 72 -25.24 26.23 -21.68
N ASP E 73 -25.32 27.46 -22.18
CA ASP E 73 -24.92 27.73 -23.56
C ASP E 73 -23.44 27.41 -23.78
N GLN E 74 -22.59 27.72 -22.80
CA GLN E 74 -21.16 27.45 -22.96
C GLN E 74 -20.85 25.97 -22.95
N LEU E 75 -21.67 25.16 -22.26
CA LEU E 75 -21.43 23.73 -22.17
C LEU E 75 -21.24 23.11 -23.55
N SER E 76 -22.02 23.55 -24.52
CA SER E 76 -21.91 23.02 -25.88
C SER E 76 -20.59 23.38 -26.54
N LEU E 77 -20.01 24.53 -26.18
CA LEU E 77 -18.71 24.93 -26.71
C LEU E 77 -17.55 24.30 -25.95
N GLY E 78 -17.83 23.56 -24.87
CA GLY E 78 -16.78 22.98 -24.07
C GLY E 78 -16.37 23.78 -22.87
N ASN E 79 -17.28 24.59 -22.31
CA ASN E 79 -16.97 25.55 -21.26
C ASN E 79 -17.93 25.38 -20.10
N ALA E 80 -17.40 25.06 -18.92
CA ALA E 80 -18.17 25.01 -17.67
C ALA E 80 -17.94 26.34 -16.96
N ALA E 81 -18.92 27.22 -17.03
CA ALA E 81 -18.79 28.60 -16.55
C ALA E 81 -19.75 28.82 -15.39
N LEU E 82 -19.22 28.83 -14.16
CA LEU E 82 -19.99 29.11 -12.97
C LEU E 82 -19.98 30.60 -12.70
N GLN E 83 -21.17 31.18 -12.53
CA GLN E 83 -21.32 32.60 -12.28
C GLN E 83 -21.92 32.81 -10.89
N ILE E 84 -21.31 33.70 -10.11
CA ILE E 84 -21.78 34.06 -8.77
C ILE E 84 -22.20 35.52 -8.81
N THR E 85 -23.35 35.81 -8.22
CA THR E 85 -23.91 37.16 -8.20
C THR E 85 -23.71 37.79 -6.83
N ASP E 86 -23.32 39.07 -6.84
CA ASP E 86 -23.14 39.87 -5.62
C ASP E 86 -22.08 39.26 -4.70
N VAL E 87 -20.81 39.44 -5.06
CA VAL E 87 -19.72 38.76 -4.35
C VAL E 87 -19.57 39.35 -2.95
N LYS E 88 -19.60 38.48 -1.95
CA LYS E 88 -19.29 38.86 -0.59
C LYS E 88 -17.86 38.45 -0.26
N LEU E 89 -17.39 38.88 0.91
CA LEU E 89 -16.03 38.58 1.31
C LEU E 89 -15.82 37.10 1.59
N GLN E 90 -16.91 36.35 1.82
CA GLN E 90 -16.84 34.91 2.05
C GLN E 90 -16.55 34.13 0.77
N ASP E 91 -16.73 34.75 -0.38
CA ASP E 91 -16.49 34.10 -1.65
C ASP E 91 -15.01 33.98 -2.00
N ALA E 92 -14.13 34.66 -1.28
CA ALA E 92 -12.71 34.47 -1.50
C ALA E 92 -12.29 33.08 -1.05
N GLY E 93 -11.40 32.46 -1.81
CA GLY E 93 -10.91 31.14 -1.46
C GLY E 93 -10.70 30.31 -2.71
N VAL E 94 -10.63 29.00 -2.51
CA VAL E 94 -10.32 28.07 -3.58
C VAL E 94 -11.60 27.34 -4.02
N TYR E 95 -11.90 27.43 -5.31
CA TYR E 95 -12.98 26.71 -5.94
C TYR E 95 -12.42 25.50 -6.68
N ARG E 96 -13.22 24.43 -6.72
CA ARG E 96 -12.88 23.24 -7.47
C ARG E 96 -14.00 22.97 -8.47
N CYS E 97 -13.63 22.79 -9.73
CA CYS E 97 -14.57 22.28 -10.72
C CYS E 97 -14.20 20.83 -11.03
N MET E 98 -15.17 19.93 -10.90
CA MET E 98 -15.04 18.52 -11.24
C MET E 98 -15.93 18.26 -12.46
N ILE E 99 -15.35 17.72 -13.53
CA ILE E 99 -16.08 17.48 -14.76
C ILE E 99 -15.87 16.04 -15.19
N SER E 100 -16.97 15.34 -15.49
CA SER E 100 -16.96 13.98 -16.00
C SER E 100 -17.68 13.96 -17.34
N TYR E 101 -16.95 13.62 -18.40
CA TYR E 101 -17.50 13.63 -19.75
C TYR E 101 -16.72 12.60 -20.56
N GLY E 102 -17.11 11.33 -20.43
CA GLY E 102 -16.29 10.26 -20.94
C GLY E 102 -15.18 10.00 -19.96
N GLY E 103 -14.22 10.91 -19.88
CA GLY E 103 -13.22 10.91 -18.84
C GLY E 103 -13.68 11.66 -17.61
N ALA E 104 -12.71 12.05 -16.80
CA ALA E 104 -12.99 12.82 -15.58
C ALA E 104 -11.73 13.57 -15.18
N ASP E 105 -11.90 14.83 -14.81
CA ASP E 105 -10.78 15.62 -14.30
C ASP E 105 -11.35 16.75 -13.45
N TYR E 106 -10.47 17.41 -12.69
CA TYR E 106 -10.87 18.55 -11.89
C TYR E 106 -9.77 19.58 -11.87
N LYS E 107 -10.15 20.85 -11.71
CA LYS E 107 -9.19 21.94 -11.62
C LYS E 107 -9.55 22.86 -10.45
N ARG E 108 -8.57 23.66 -10.05
CA ARG E 108 -8.72 24.61 -8.95
C ARG E 108 -8.64 26.04 -9.49
N ILE E 109 -9.39 26.93 -8.85
CA ILE E 109 -9.44 28.33 -9.25
C ILE E 109 -9.46 29.16 -7.98
N THR E 110 -8.50 30.09 -7.86
CA THR E 110 -8.42 30.93 -6.66
C THR E 110 -9.12 32.25 -6.91
N VAL E 111 -9.98 32.66 -5.97
CA VAL E 111 -10.71 33.92 -6.05
C VAL E 111 -10.30 34.82 -4.90
N LYS E 112 -9.80 36.00 -5.25
CA LYS E 112 -9.49 37.03 -4.27
C LYS E 112 -10.55 38.12 -4.37
N VAL E 113 -10.85 38.75 -3.23
CA VAL E 113 -11.93 39.71 -3.12
C VAL E 113 -11.37 41.01 -2.57
N ASN E 114 -11.47 42.08 -3.35
CA ASN E 114 -11.22 43.44 -2.87
C ASN E 114 -12.52 44.00 -2.28
N ALA E 115 -12.38 44.80 -1.22
CA ALA E 115 -13.56 45.25 -0.52
C ALA E 115 -13.25 46.55 0.23
N PRO E 116 -14.23 47.46 0.29
CA PRO E 116 -14.03 48.70 1.07
C PRO E 116 -14.02 48.41 2.56
N TYR E 117 -13.58 49.42 3.31
CA TYR E 117 -13.36 49.27 4.74
C TYR E 117 -14.64 48.89 5.47
N ALA E 118 -15.80 49.34 5.00
CA ALA E 118 -17.04 49.03 5.71
C ALA E 118 -17.35 47.54 5.64
N ALA E 119 -17.31 46.97 4.42
CA ALA E 119 -17.54 45.54 4.27
C ALA E 119 -16.52 44.73 5.08
N ALA E 120 -15.25 45.10 4.96
CA ALA E 120 -14.22 44.41 5.74
C ALA E 120 -14.49 44.51 7.23
N LEU E 121 -15.08 45.64 7.68
CA LEU E 121 -15.32 45.84 9.11
C LEU E 121 -16.46 44.96 9.59
N GLU E 122 -17.54 44.87 8.81
CA GLU E 122 -18.63 43.97 9.21
C GLU E 122 -18.20 42.52 9.11
N HIS E 123 -17.30 42.18 8.18
CA HIS E 123 -16.81 40.81 8.10
C HIS E 123 -15.86 40.47 9.25
N HIS E 124 -15.06 41.45 9.69
CA HIS E 124 -14.11 41.22 10.77
C HIS E 124 -14.82 41.01 12.10
N HIS E 125 -15.98 41.61 12.30
CA HIS E 125 -16.73 41.49 13.54
C HIS E 125 -17.82 40.41 13.45
N ALA F 1 -38.02 -11.59 19.00
CA ALA F 1 -37.95 -11.08 20.37
C ALA F 1 -36.91 -9.96 20.50
N PHE F 2 -37.33 -8.74 20.18
CA PHE F 2 -36.41 -7.59 20.17
C PHE F 2 -35.94 -7.25 21.58
N THR F 3 -34.65 -6.93 21.68
CA THR F 3 -34.02 -6.75 22.99
C THR F 3 -32.86 -5.78 22.88
N VAL F 4 -32.90 -4.72 23.70
CA VAL F 4 -31.77 -3.80 23.85
C VAL F 4 -30.87 -4.33 24.95
N THR F 5 -29.55 -4.30 24.73
CA THR F 5 -28.58 -4.76 25.71
C THR F 5 -27.58 -3.67 26.03
N VAL F 6 -27.13 -3.63 27.28
CA VAL F 6 -26.17 -2.63 27.73
C VAL F 6 -24.90 -3.37 28.14
N PRO F 7 -23.77 -3.12 27.49
CA PRO F 7 -22.51 -3.73 27.96
C PRO F 7 -22.16 -3.33 29.38
N LYS F 8 -22.22 -2.03 29.69
CA LYS F 8 -22.06 -1.54 31.06
C LYS F 8 -23.36 -0.89 31.50
N ASP F 9 -23.95 -1.39 32.59
CA ASP F 9 -25.08 -0.72 33.19
C ASP F 9 -24.67 0.34 34.20
N LEU F 10 -23.37 0.50 34.45
CA LEU F 10 -22.85 1.46 35.41
C LEU F 10 -21.56 2.07 34.87
N TYR F 11 -21.46 3.40 34.95
CA TYR F 11 -20.30 4.16 34.54
C TYR F 11 -19.88 5.06 35.69
N VAL F 12 -18.57 5.14 35.94
CA VAL F 12 -18.01 6.02 36.96
C VAL F 12 -17.01 6.91 36.24
N VAL F 13 -17.36 8.18 36.07
CA VAL F 13 -16.57 9.09 35.26
C VAL F 13 -16.08 10.23 36.13
N GLU F 14 -15.08 10.95 35.61
CA GLU F 14 -14.55 12.13 36.27
C GLU F 14 -15.21 13.39 35.72
N TYR F 15 -15.32 14.39 36.60
CA TYR F 15 -15.71 15.73 36.18
C TYR F 15 -14.86 16.21 35.02
N GLY F 16 -15.49 16.97 34.11
CA GLY F 16 -14.81 17.55 32.98
C GLY F 16 -14.26 16.57 31.96
N SER F 17 -14.43 15.27 32.17
CA SER F 17 -13.99 14.29 31.19
C SER F 17 -15.07 14.11 30.13
N ASN F 18 -14.86 13.15 29.22
CA ASN F 18 -15.84 12.78 28.21
C ASN F 18 -16.29 11.35 28.47
N MET F 19 -17.57 11.06 28.24
CA MET F 19 -18.02 9.69 28.43
C MET F 19 -18.92 9.26 27.26
N THR F 20 -18.84 7.97 26.94
CA THR F 20 -19.71 7.36 25.95
C THR F 20 -20.42 6.19 26.61
N ILE F 21 -21.76 6.19 26.56
CA ILE F 21 -22.56 5.10 27.10
C ILE F 21 -23.26 4.41 25.94
N GLU F 22 -23.24 3.08 25.94
CA GLU F 22 -23.66 2.30 24.79
C GLU F 22 -24.97 1.57 25.06
N CYS F 23 -25.73 1.35 23.98
CA CYS F 23 -26.89 0.46 24.00
C CYS F 23 -26.87 -0.36 22.72
N LYS F 24 -26.75 -1.67 22.84
CA LYS F 24 -26.76 -2.53 21.67
C LYS F 24 -28.19 -2.94 21.32
N PHE F 25 -28.50 -2.96 20.02
CA PHE F 25 -29.76 -3.49 19.49
C PHE F 25 -29.49 -4.25 18.20
N PRO F 26 -30.22 -5.35 17.94
CA PRO F 26 -29.89 -6.22 16.80
C PRO F 26 -30.13 -5.58 15.45
N VAL F 27 -29.05 -5.21 14.76
CA VAL F 27 -29.10 -4.80 13.36
C VAL F 27 -28.69 -6.01 12.53
N GLU F 28 -29.62 -6.54 11.74
CA GLU F 28 -29.38 -7.74 10.97
C GLU F 28 -28.98 -7.34 9.55
N LYS F 29 -27.72 -7.62 9.20
CA LYS F 29 -27.21 -7.51 7.84
C LYS F 29 -27.07 -6.06 7.37
N GLN F 30 -28.15 -5.28 7.40
CA GLN F 30 -28.06 -3.88 7.00
C GLN F 30 -29.12 -3.07 7.72
N LEU F 31 -28.77 -1.82 8.02
CA LEU F 31 -29.62 -0.95 8.83
C LEU F 31 -30.66 -0.23 7.97
N ASP F 32 -31.89 -0.20 8.46
CA ASP F 32 -32.97 0.57 7.84
C ASP F 32 -33.17 1.83 8.68
N LEU F 33 -32.69 2.96 8.15
CA LEU F 33 -32.78 4.22 8.88
C LEU F 33 -34.24 4.67 9.06
N ALA F 34 -35.12 4.29 8.13
CA ALA F 34 -36.50 4.76 8.19
C ALA F 34 -37.30 4.14 9.33
N ALA F 35 -36.87 2.98 9.83
CA ALA F 35 -37.60 2.28 10.89
C ALA F 35 -36.85 2.27 12.22
N LEU F 36 -35.92 3.20 12.41
CA LEU F 36 -35.12 3.27 13.62
C LEU F 36 -35.53 4.51 14.42
N ILE F 37 -35.68 4.33 15.73
CA ILE F 37 -35.94 5.44 16.65
C ILE F 37 -35.10 5.22 17.91
N VAL F 38 -34.40 6.26 18.34
CA VAL F 38 -33.53 6.21 19.51
C VAL F 38 -33.86 7.39 20.41
N TYR F 39 -34.31 7.11 21.62
CA TYR F 39 -34.45 8.10 22.67
C TYR F 39 -33.31 7.92 23.64
N TRP F 40 -32.68 9.03 24.02
CA TRP F 40 -31.78 9.05 25.15
C TRP F 40 -32.30 10.08 26.14
N GLU F 41 -32.29 9.73 27.42
CA GLU F 41 -32.76 10.66 28.43
C GLU F 41 -32.10 10.34 29.75
N MET F 42 -32.27 11.26 30.71
CA MET F 42 -31.74 11.08 32.06
C MET F 42 -32.69 11.77 33.02
N GLU F 43 -33.33 11.01 33.90
CA GLU F 43 -34.28 11.56 34.86
C GLU F 43 -35.38 12.35 34.17
N ASP F 44 -35.91 11.79 33.08
CA ASP F 44 -36.97 12.42 32.28
C ASP F 44 -36.56 13.78 31.71
N LYS F 45 -35.26 14.06 31.66
CA LYS F 45 -34.74 15.18 30.89
C LYS F 45 -34.30 14.66 29.53
N ASN F 46 -34.93 15.16 28.48
CA ASN F 46 -34.69 14.63 27.14
C ASN F 46 -33.31 15.07 26.66
N ILE F 47 -32.50 14.10 26.24
CA ILE F 47 -31.13 14.34 25.82
C ILE F 47 -31.00 14.29 24.30
N ILE F 48 -31.37 13.18 23.69
CA ILE F 48 -31.26 12.99 22.25
C ILE F 48 -32.52 12.31 21.76
N GLN F 49 -33.08 12.84 20.68
CA GLN F 49 -34.28 12.26 20.05
C GLN F 49 -33.97 12.04 18.58
N PHE F 50 -33.57 10.81 18.23
CA PHE F 50 -33.15 10.46 16.88
C PHE F 50 -34.31 9.77 16.17
N VAL F 51 -34.94 10.48 15.25
CA VAL F 51 -36.09 10.00 14.50
C VAL F 51 -35.79 10.13 13.02
N HIS F 52 -36.17 9.11 12.24
CA HIS F 52 -35.94 9.09 10.81
C HIS F 52 -34.45 9.22 10.47
N GLY F 53 -34.07 10.33 9.85
CA GLY F 53 -32.72 10.50 9.36
C GLY F 53 -31.68 10.85 10.41
N GLU F 54 -31.88 11.95 11.12
CA GLU F 54 -30.90 12.41 12.09
C GLU F 54 -31.62 13.03 13.28
N GLU F 55 -30.84 13.55 14.22
CA GLU F 55 -31.41 14.10 15.44
C GLU F 55 -32.23 15.35 15.14
N ASP F 56 -33.34 15.50 15.89
CA ASP F 56 -34.13 16.71 15.87
C ASP F 56 -34.37 17.13 17.31
N LEU F 57 -33.70 18.20 17.73
CA LEU F 57 -33.64 18.59 19.14
C LEU F 57 -34.54 19.80 19.40
N LYS F 58 -35.85 19.56 19.32
CA LYS F 58 -36.82 20.55 19.78
C LYS F 58 -36.97 20.47 21.29
N VAL F 59 -37.12 19.25 21.83
CA VAL F 59 -37.34 19.03 23.25
C VAL F 59 -35.99 18.81 23.93
N GLN F 60 -34.93 19.31 23.31
CA GLN F 60 -33.60 19.26 23.92
C GLN F 60 -33.58 20.05 25.22
N HIS F 61 -33.27 19.38 26.33
CA HIS F 61 -33.18 20.10 27.61
C HIS F 61 -32.07 21.13 27.54
N SER F 62 -32.31 22.28 28.18
CA SER F 62 -31.34 23.37 28.15
C SER F 62 -30.06 23.04 28.91
N SER F 63 -29.98 21.89 29.56
CA SER F 63 -28.76 21.45 30.23
C SER F 63 -27.93 20.51 29.37
N TYR F 64 -28.35 20.27 28.14
CA TYR F 64 -27.63 19.40 27.22
C TYR F 64 -27.35 20.08 25.88
N ARG F 65 -27.62 21.37 25.79
CA ARG F 65 -27.00 22.28 24.84
C ARG F 65 -25.57 21.83 24.55
N GLN F 66 -25.21 21.73 23.26
CA GLN F 66 -23.78 21.62 22.90
C GLN F 66 -23.13 20.34 23.47
N ARG F 67 -23.83 19.66 24.39
CA ARG F 67 -23.25 18.60 25.21
C ARG F 67 -23.22 17.24 24.51
N ALA F 68 -24.37 16.77 24.08
CA ALA F 68 -24.57 15.36 23.73
C ALA F 68 -24.63 15.18 22.21
N ARG F 69 -24.10 14.05 21.77
CA ARG F 69 -24.26 13.67 20.37
C ARG F 69 -24.44 12.16 20.29
N LEU F 70 -25.23 11.72 19.32
CA LEU F 70 -25.45 10.30 19.08
C LEU F 70 -24.47 9.83 18.03
N LEU F 71 -23.72 8.78 18.35
CA LEU F 71 -22.76 8.21 17.42
C LEU F 71 -23.50 7.41 16.35
N LYS F 72 -23.78 8.06 15.21
CA LYS F 72 -24.47 7.39 14.11
C LYS F 72 -23.57 6.36 13.43
N ASP F 73 -22.29 6.70 13.26
CA ASP F 73 -21.28 5.75 12.79
C ASP F 73 -21.48 4.36 13.37
N GLN F 74 -22.00 4.24 14.61
CA GLN F 74 -22.18 2.97 15.28
C GLN F 74 -23.58 2.38 15.13
N LEU F 75 -24.53 3.15 14.57
CA LEU F 75 -25.90 2.66 14.45
C LEU F 75 -25.98 1.49 13.47
N SER F 76 -25.28 1.58 12.35
CA SER F 76 -25.24 0.47 11.39
C SER F 76 -24.63 -0.78 11.99
N LEU F 77 -23.92 -0.63 13.11
CA LEU F 77 -23.30 -1.73 13.84
C LEU F 77 -24.19 -2.25 14.96
N GLY F 78 -25.42 -1.77 15.06
CA GLY F 78 -26.27 -2.17 16.17
C GLY F 78 -25.83 -1.59 17.49
N ASN F 79 -25.33 -0.35 17.47
CA ASN F 79 -24.82 0.31 18.66
C ASN F 79 -25.34 1.74 18.68
N ALA F 80 -26.06 2.09 19.74
CA ALA F 80 -26.55 3.44 19.97
C ALA F 80 -25.71 4.00 21.12
N ALA F 81 -24.70 4.79 20.78
CA ALA F 81 -23.76 5.32 21.75
C ALA F 81 -24.04 6.80 21.95
N LEU F 82 -24.38 7.18 23.19
CA LEU F 82 -24.51 8.57 23.59
C LEU F 82 -23.17 9.08 24.06
N GLN F 83 -22.70 10.17 23.46
CA GLN F 83 -21.45 10.81 23.86
C GLN F 83 -21.76 12.13 24.55
N ILE F 84 -21.29 12.27 25.78
CA ILE F 84 -21.40 13.49 26.56
C ILE F 84 -19.99 14.06 26.72
N THR F 85 -19.78 15.28 26.24
CA THR F 85 -18.55 16.03 26.40
C THR F 85 -18.66 16.94 27.62
N ASP F 86 -17.53 17.15 28.30
CA ASP F 86 -17.43 18.09 29.42
C ASP F 86 -18.33 17.65 30.59
N VAL F 87 -18.03 16.46 31.12
CA VAL F 87 -18.91 15.85 32.11
C VAL F 87 -18.98 16.73 33.35
N LYS F 88 -20.19 17.14 33.71
CA LYS F 88 -20.45 17.92 34.92
C LYS F 88 -21.24 17.08 35.93
N LEU F 89 -21.27 17.57 37.17
CA LEU F 89 -21.91 16.83 38.25
C LEU F 89 -23.41 16.67 38.03
N GLN F 90 -24.02 17.55 37.24
CA GLN F 90 -25.44 17.42 36.92
C GLN F 90 -25.73 16.13 36.17
N ASP F 91 -24.72 15.49 35.58
CA ASP F 91 -24.94 14.35 34.71
C ASP F 91 -25.05 13.03 35.47
N ALA F 92 -24.76 12.99 36.76
CA ALA F 92 -24.97 11.76 37.52
C ALA F 92 -26.46 11.47 37.65
N GLY F 93 -26.80 10.20 37.57
CA GLY F 93 -28.19 9.78 37.59
C GLY F 93 -28.40 8.63 36.64
N VAL F 94 -29.67 8.32 36.39
CA VAL F 94 -30.05 7.15 35.59
C VAL F 94 -30.40 7.62 34.18
N TYR F 95 -29.68 7.08 33.20
CA TYR F 95 -29.95 7.30 31.78
C TYR F 95 -30.79 6.17 31.22
N ARG F 96 -31.69 6.50 30.32
CA ARG F 96 -32.51 5.52 29.63
C ARG F 96 -32.22 5.62 28.14
N CYS F 97 -32.05 4.46 27.51
CA CYS F 97 -31.96 4.36 26.06
C CYS F 97 -33.14 3.54 25.57
N MET F 98 -33.86 4.10 24.61
CA MET F 98 -35.12 3.54 24.16
C MET F 98 -35.02 3.39 22.64
N ILE F 99 -34.94 2.16 22.17
CA ILE F 99 -34.75 1.87 20.76
C ILE F 99 -35.99 1.18 20.22
N SER F 100 -36.46 1.67 19.09
CA SER F 100 -37.48 1.00 18.29
C SER F 100 -36.86 0.65 16.94
N TYR F 101 -36.80 -0.65 16.64
CA TYR F 101 -36.28 -1.15 15.36
C TYR F 101 -37.01 -2.48 15.09
N GLY F 102 -38.15 -2.39 14.42
CA GLY F 102 -39.01 -3.54 14.32
C GLY F 102 -39.76 -3.72 15.63
N GLY F 103 -39.13 -4.35 16.61
CA GLY F 103 -39.60 -4.32 17.97
C GLY F 103 -39.20 -3.03 18.66
N ALA F 104 -39.15 -3.08 19.99
CA ALA F 104 -38.74 -1.93 20.79
C ALA F 104 -38.35 -2.42 22.18
N ASP F 105 -37.57 -1.60 22.87
CA ASP F 105 -37.10 -1.94 24.22
C ASP F 105 -36.31 -0.74 24.74
N TYR F 106 -36.18 -0.66 26.05
CA TYR F 106 -35.35 0.36 26.66
C TYR F 106 -34.50 -0.29 27.74
N LYS F 107 -33.43 0.40 28.13
CA LYS F 107 -32.58 -0.05 29.22
C LYS F 107 -32.10 1.15 30.03
N ARG F 108 -31.72 0.86 31.28
CA ARG F 108 -31.26 1.85 32.24
C ARG F 108 -29.77 1.69 32.51
N ILE F 109 -29.08 2.83 32.67
CA ILE F 109 -27.65 2.91 32.88
C ILE F 109 -27.38 3.95 33.96
N THR F 110 -26.69 3.56 35.03
CA THR F 110 -26.39 4.49 36.10
C THR F 110 -25.04 5.17 35.86
N VAL F 111 -24.99 6.47 36.12
CA VAL F 111 -23.78 7.25 35.93
C VAL F 111 -23.47 7.96 37.23
N LYS F 112 -22.31 7.67 37.78
CA LYS F 112 -21.78 8.37 38.95
C LYS F 112 -20.63 9.26 38.50
N VAL F 113 -20.62 10.50 38.98
CA VAL F 113 -19.62 11.50 38.61
C VAL F 113 -18.78 11.83 39.84
N ASN F 114 -17.47 11.62 39.72
CA ASN F 114 -16.48 12.07 40.69
C ASN F 114 -16.03 13.50 40.38
N ALA F 115 -15.66 14.24 41.41
CA ALA F 115 -15.36 15.65 41.18
C ALA F 115 -14.47 16.16 42.29
N PRO F 116 -13.54 17.06 41.99
CA PRO F 116 -12.72 17.69 43.05
C PRO F 116 -13.55 18.68 43.85
N TYR F 117 -12.95 19.13 44.97
CA TYR F 117 -13.69 19.96 45.91
C TYR F 117 -14.22 21.25 45.27
N ALA F 118 -13.48 21.81 44.31
CA ALA F 118 -13.88 23.08 43.71
C ALA F 118 -15.18 22.94 42.92
N ALA F 119 -15.21 22.04 41.95
CA ALA F 119 -16.41 21.84 41.15
C ALA F 119 -17.57 21.34 41.99
N ALA F 120 -17.29 20.46 42.97
CA ALA F 120 -18.32 20.00 43.88
C ALA F 120 -18.87 21.15 44.72
N LEU F 121 -18.02 22.14 45.01
CA LEU F 121 -18.45 23.29 45.80
C LEU F 121 -19.35 24.19 44.98
N GLU F 122 -18.96 24.46 43.73
CA GLU F 122 -19.83 25.30 42.90
C GLU F 122 -21.13 24.57 42.58
N HIS F 123 -21.10 23.24 42.48
CA HIS F 123 -22.34 22.50 42.27
C HIS F 123 -23.20 22.49 43.53
N HIS F 124 -22.58 22.41 44.70
CA HIS F 124 -23.34 22.37 45.94
C HIS F 124 -24.00 23.71 46.23
N HIS F 125 -23.31 24.82 45.94
CA HIS F 125 -23.89 26.14 46.17
C HIS F 125 -24.91 26.53 45.11
N HIS F 126 -24.83 25.96 43.91
CA HIS F 126 -25.76 26.29 42.83
C HIS F 126 -26.17 25.04 42.04
N ALA G 1 4.44 -21.24 23.57
CA ALA G 1 3.94 -21.49 22.22
C ALA G 1 2.93 -22.64 22.22
N PHE G 2 1.67 -22.31 21.94
CA PHE G 2 0.60 -23.30 21.96
C PHE G 2 0.68 -24.18 20.71
N THR G 3 0.69 -25.50 20.92
CA THR G 3 0.80 -26.42 19.79
C THR G 3 0.09 -27.73 20.12
N VAL G 4 -0.79 -28.15 19.23
CA VAL G 4 -1.50 -29.41 19.39
C VAL G 4 -0.54 -30.55 19.03
N THR G 5 -0.54 -31.59 19.86
CA THR G 5 0.30 -32.77 19.66
C THR G 5 -0.56 -33.94 19.23
N VAL G 6 0.10 -34.98 18.73
CA VAL G 6 -0.59 -36.17 18.24
C VAL G 6 0.21 -37.40 18.59
N PRO G 7 -0.33 -38.31 19.41
CA PRO G 7 0.38 -39.56 19.69
C PRO G 7 0.44 -40.47 18.46
N LYS G 8 -0.71 -40.71 17.83
CA LYS G 8 -0.80 -41.58 16.66
C LYS G 8 -1.24 -40.74 15.47
N ASP G 9 -0.32 -40.54 14.52
CA ASP G 9 -0.66 -39.90 13.26
C ASP G 9 -1.49 -40.80 12.36
N LEU G 10 -1.54 -42.09 12.65
CA LEU G 10 -2.21 -43.08 11.82
C LEU G 10 -3.05 -43.99 12.71
N TYR G 11 -4.27 -44.29 12.25
CA TYR G 11 -5.15 -45.24 12.90
C TYR G 11 -5.58 -46.28 11.87
N VAL G 12 -5.51 -47.56 12.23
CA VAL G 12 -5.97 -48.65 11.38
C VAL G 12 -7.07 -49.37 12.13
N VAL G 13 -8.32 -49.19 11.68
CA VAL G 13 -9.47 -49.82 12.31
C VAL G 13 -10.12 -50.77 11.31
N GLU G 14 -10.99 -51.63 11.83
CA GLU G 14 -11.71 -52.59 11.01
C GLU G 14 -13.19 -52.22 10.95
N TYR G 15 -13.79 -52.48 9.79
CA TYR G 15 -15.19 -52.16 9.56
C TYR G 15 -16.07 -52.77 10.65
N GLY G 16 -17.09 -52.02 11.05
CA GLY G 16 -17.99 -52.45 12.10
C GLY G 16 -17.48 -52.21 13.51
N SER G 17 -16.16 -52.12 13.69
CA SER G 17 -15.60 -51.87 15.02
C SER G 17 -15.76 -50.39 15.39
N ASN G 18 -15.04 -49.96 16.42
CA ASN G 18 -15.20 -48.60 16.95
C ASN G 18 -13.86 -47.91 17.00
N MET G 19 -13.88 -46.58 16.77
CA MET G 19 -12.65 -45.83 16.58
C MET G 19 -12.51 -44.73 17.63
N THR G 20 -11.28 -44.51 18.10
CA THR G 20 -10.97 -43.52 19.13
C THR G 20 -9.70 -42.78 18.73
N ILE G 21 -9.85 -41.62 18.09
CA ILE G 21 -8.72 -40.77 17.74
C ILE G 21 -8.61 -39.66 18.77
N GLU G 22 -7.38 -39.29 19.13
CA GLU G 22 -7.15 -38.34 20.20
C GLU G 22 -6.17 -37.26 19.75
N CYS G 23 -6.52 -36.00 20.02
CA CYS G 23 -5.66 -34.84 19.75
C CYS G 23 -5.33 -34.21 21.11
N LYS G 24 -4.06 -34.24 21.49
CA LYS G 24 -3.65 -33.71 22.79
C LYS G 24 -3.29 -32.24 22.66
N PHE G 25 -3.72 -31.46 23.65
CA PHE G 25 -3.37 -30.05 23.76
C PHE G 25 -3.00 -29.76 25.21
N PRO G 26 -2.08 -28.83 25.45
CA PRO G 26 -1.54 -28.64 26.80
C PRO G 26 -2.53 -27.94 27.71
N VAL G 27 -2.95 -28.66 28.76
CA VAL G 27 -3.65 -28.08 29.89
C VAL G 27 -2.75 -28.20 31.10
N GLU G 28 -2.90 -27.28 32.05
CA GLU G 28 -2.17 -27.39 33.32
C GLU G 28 -3.09 -26.94 34.45
N LYS G 29 -3.26 -27.82 35.44
CA LYS G 29 -4.10 -27.58 36.61
C LYS G 29 -5.53 -27.40 36.13
N GLN G 30 -6.22 -26.31 36.48
CA GLN G 30 -7.64 -26.20 36.19
C GLN G 30 -7.90 -25.98 34.71
N LEU G 31 -8.93 -26.67 34.19
CA LEU G 31 -9.39 -26.49 32.82
C LEU G 31 -10.49 -25.44 32.80
N ASP G 32 -10.30 -24.40 32.00
CA ASP G 32 -11.27 -23.32 31.84
C ASP G 32 -12.09 -23.60 30.59
N LEU G 33 -13.25 -24.24 30.78
CA LEU G 33 -14.10 -24.60 29.64
C LEU G 33 -14.63 -23.37 28.91
N ALA G 34 -14.75 -22.23 29.58
CA ALA G 34 -15.26 -21.01 28.96
C ALA G 34 -14.27 -20.37 27.99
N ALA G 35 -13.08 -20.96 27.82
CA ALA G 35 -12.10 -20.53 26.83
C ALA G 35 -11.61 -21.66 25.94
N LEU G 36 -12.30 -22.80 25.92
CA LEU G 36 -11.87 -23.95 25.14
C LEU G 36 -12.80 -24.13 23.94
N ILE G 37 -12.20 -24.32 22.77
CA ILE G 37 -12.94 -24.64 21.55
C ILE G 37 -12.24 -25.80 20.86
N VAL G 38 -12.99 -26.86 20.59
CA VAL G 38 -12.48 -28.01 19.85
C VAL G 38 -13.36 -28.19 18.63
N TYR G 39 -12.73 -28.49 17.50
CA TYR G 39 -13.44 -28.66 16.23
C TYR G 39 -12.89 -29.90 15.56
N TRP G 40 -13.76 -30.87 15.33
CA TRP G 40 -13.37 -32.09 14.63
C TRP G 40 -14.10 -32.12 13.30
N GLU G 41 -13.35 -32.25 12.22
CA GLU G 41 -13.95 -32.43 10.91
C GLU G 41 -13.16 -33.46 10.12
N MET G 42 -13.72 -33.86 8.98
CA MET G 42 -13.05 -34.79 8.08
C MET G 42 -13.47 -34.41 6.67
N GLU G 43 -12.53 -33.85 5.89
CA GLU G 43 -12.77 -33.47 4.51
C GLU G 43 -14.02 -32.60 4.38
N ASP G 44 -14.00 -31.50 5.14
CA ASP G 44 -15.05 -30.46 5.13
C ASP G 44 -16.37 -30.98 5.68
N LYS G 45 -16.41 -32.25 6.06
CA LYS G 45 -17.55 -32.80 6.79
C LYS G 45 -17.33 -32.54 8.27
N ASN G 46 -18.15 -31.69 8.86
CA ASN G 46 -18.01 -31.42 10.28
C ASN G 46 -18.48 -32.63 11.09
N ILE G 47 -17.71 -32.94 12.12
CA ILE G 47 -18.04 -34.02 13.05
C ILE G 47 -18.51 -33.47 14.39
N ILE G 48 -17.68 -32.64 15.04
CA ILE G 48 -18.12 -32.01 16.28
C ILE G 48 -17.65 -30.57 16.33
N GLN G 49 -18.46 -29.72 16.98
CA GLN G 49 -18.23 -28.29 17.13
C GLN G 49 -18.40 -27.95 18.62
N PHE G 50 -17.36 -28.23 19.40
CA PHE G 50 -17.36 -28.02 20.84
C PHE G 50 -16.95 -26.58 21.12
N VAL G 51 -17.95 -25.73 21.40
CA VAL G 51 -17.72 -24.30 21.61
C VAL G 51 -18.24 -23.92 22.99
N HIS G 52 -17.30 -23.56 23.89
CA HIS G 52 -17.63 -23.00 25.20
C HIS G 52 -18.51 -23.93 26.01
N GLY G 53 -18.09 -25.19 26.11
CA GLY G 53 -18.76 -26.10 27.02
C GLY G 53 -19.51 -27.26 26.38
N GLU G 54 -20.37 -26.98 25.41
CA GLU G 54 -21.20 -28.02 24.83
C GLU G 54 -21.19 -27.95 23.30
N GLU G 55 -21.28 -29.13 22.68
CA GLU G 55 -21.24 -29.23 21.23
C GLU G 55 -22.55 -28.74 20.62
N ASP G 56 -22.43 -28.05 19.49
CA ASP G 56 -23.58 -27.72 18.66
C ASP G 56 -23.71 -28.77 17.56
N LEU G 57 -24.95 -29.19 17.31
CA LEU G 57 -25.18 -30.36 16.48
C LEU G 57 -26.13 -30.11 15.32
N LYS G 58 -26.61 -28.88 15.14
CA LYS G 58 -27.12 -28.48 13.83
C LYS G 58 -25.98 -28.26 12.85
N VAL G 59 -24.74 -28.31 13.33
CA VAL G 59 -23.56 -28.21 12.50
C VAL G 59 -23.11 -29.58 11.98
N GLN G 60 -23.47 -30.66 12.67
CA GLN G 60 -22.96 -31.98 12.35
C GLN G 60 -23.43 -32.47 10.98
N HIS G 61 -22.51 -33.10 10.26
CA HIS G 61 -22.84 -33.74 8.99
C HIS G 61 -23.79 -34.92 9.23
N SER G 62 -24.63 -35.18 8.23
CA SER G 62 -25.65 -36.21 8.39
C SER G 62 -25.04 -37.58 8.64
N SER G 63 -23.88 -37.86 8.04
CA SER G 63 -23.26 -39.18 8.14
C SER G 63 -22.54 -39.39 9.46
N TYR G 64 -22.68 -38.49 10.43
CA TYR G 64 -22.01 -38.62 11.71
C TYR G 64 -22.95 -38.52 12.91
N ARG G 65 -24.22 -38.17 12.71
CA ARG G 65 -25.15 -38.09 13.82
C ARG G 65 -25.35 -39.48 14.43
N GLN G 66 -25.57 -39.50 15.74
CA GLN G 66 -25.73 -40.68 16.59
C GLN G 66 -24.49 -41.57 16.63
N ARG G 67 -23.38 -41.19 15.97
CA ARG G 67 -22.22 -42.06 15.87
C ARG G 67 -20.92 -41.45 16.37
N ALA G 68 -20.86 -40.14 16.58
CA ALA G 68 -19.62 -39.45 16.94
C ALA G 68 -19.76 -38.76 18.29
N ARG G 69 -18.74 -38.91 19.13
CA ARG G 69 -18.77 -38.29 20.44
C ARG G 69 -17.40 -37.73 20.79
N LEU G 70 -17.40 -36.65 21.57
CA LEU G 70 -16.21 -36.13 22.21
C LEU G 70 -16.29 -36.43 23.70
N LEU G 71 -15.16 -36.86 24.28
CA LEU G 71 -15.08 -37.23 25.69
C LEU G 71 -14.78 -35.99 26.51
N LYS G 72 -15.83 -35.34 26.99
CA LYS G 72 -15.67 -34.19 27.88
C LYS G 72 -14.97 -34.56 29.19
N ASP G 73 -15.03 -35.84 29.58
CA ASP G 73 -14.25 -36.31 30.71
C ASP G 73 -12.75 -36.21 30.44
N GLN G 74 -12.33 -36.43 29.20
CA GLN G 74 -10.92 -36.45 28.84
C GLN G 74 -10.36 -35.07 28.53
N LEU G 75 -11.22 -34.05 28.41
CA LEU G 75 -10.74 -32.71 28.10
C LEU G 75 -9.90 -32.14 29.24
N SER G 76 -10.23 -32.48 30.50
CA SER G 76 -9.41 -32.05 31.62
C SER G 76 -8.03 -32.68 31.61
N LEU G 77 -7.88 -33.84 30.97
CA LEU G 77 -6.59 -34.48 30.79
C LEU G 77 -5.81 -33.93 29.60
N GLY G 78 -6.21 -32.77 29.08
CA GLY G 78 -5.57 -32.25 27.89
C GLY G 78 -5.73 -33.13 26.67
N ASN G 79 -6.93 -33.65 26.45
CA ASN G 79 -7.16 -34.62 25.39
C ASN G 79 -8.52 -34.38 24.75
N ALA G 80 -8.52 -34.04 23.47
CA ALA G 80 -9.72 -33.94 22.64
C ALA G 80 -9.86 -35.27 21.91
N ALA G 81 -10.68 -36.16 22.46
CA ALA G 81 -10.81 -37.53 21.97
C ALA G 81 -12.15 -37.68 21.25
N LEU G 82 -12.09 -37.85 19.94
CA LEU G 82 -13.26 -38.14 19.12
C LEU G 82 -13.40 -39.65 18.93
N GLN G 83 -14.64 -40.13 19.00
CA GLN G 83 -14.92 -41.55 18.86
C GLN G 83 -16.06 -41.77 17.89
N ILE G 84 -15.86 -42.73 16.97
CA ILE G 84 -16.81 -43.08 15.93
C ILE G 84 -17.37 -44.46 16.21
N THR G 85 -18.69 -44.57 16.13
CA THR G 85 -19.44 -45.79 16.38
C THR G 85 -19.75 -46.47 15.05
N ASP G 86 -19.49 -47.79 14.99
CA ASP G 86 -19.70 -48.59 13.80
C ASP G 86 -19.00 -47.97 12.60
N VAL G 87 -17.69 -48.21 12.49
CA VAL G 87 -16.87 -47.57 11.47
C VAL G 87 -17.24 -48.14 10.10
N LYS G 88 -17.83 -47.30 9.25
CA LYS G 88 -18.13 -47.67 7.88
C LYS G 88 -16.91 -47.38 7.00
N LEU G 89 -17.01 -47.68 5.70
CA LEU G 89 -15.89 -47.45 4.80
C LEU G 89 -15.71 -45.97 4.49
N GLN G 90 -16.79 -45.19 4.50
CA GLN G 90 -16.69 -43.77 4.23
C GLN G 90 -16.10 -42.98 5.39
N ASP G 91 -15.73 -43.64 6.48
CA ASP G 91 -15.07 -42.97 7.61
C ASP G 91 -13.56 -42.89 7.45
N ALA G 92 -13.01 -43.43 6.36
CA ALA G 92 -11.58 -43.34 6.11
C ALA G 92 -11.24 -42.02 5.43
N GLY G 93 -10.05 -41.52 5.72
CA GLY G 93 -9.61 -40.25 5.17
C GLY G 93 -8.86 -39.45 6.21
N VAL G 94 -8.71 -38.15 5.96
CA VAL G 94 -7.95 -37.25 6.81
C VAL G 94 -8.90 -36.50 7.73
N TYR G 95 -8.64 -36.57 9.03
CA TYR G 95 -9.39 -35.86 10.05
C TYR G 95 -8.57 -34.67 10.52
N ARG G 96 -9.26 -33.62 10.96
CA ARG G 96 -8.60 -32.42 11.46
C ARG G 96 -9.21 -32.04 12.79
N CYS G 97 -8.33 -31.72 13.75
CA CYS G 97 -8.70 -31.18 15.06
C CYS G 97 -8.19 -29.75 15.13
N MET G 98 -9.10 -28.79 15.21
CA MET G 98 -8.80 -27.41 15.52
C MET G 98 -9.03 -27.18 17.01
N ILE G 99 -8.10 -26.51 17.67
CA ILE G 99 -8.18 -26.34 19.12
C ILE G 99 -7.74 -24.92 19.48
N SER G 100 -8.63 -24.17 20.12
CA SER G 100 -8.35 -22.84 20.64
C SER G 100 -8.47 -22.88 22.15
N TYR G 101 -7.36 -22.65 22.85
CA TYR G 101 -7.30 -22.66 24.31
C TYR G 101 -6.19 -21.68 24.69
N GLY G 102 -6.56 -20.41 24.83
CA GLY G 102 -5.57 -19.35 24.83
C GLY G 102 -5.03 -19.19 23.42
N GLY G 103 -4.02 -20.00 23.07
CA GLY G 103 -3.55 -20.05 21.71
C GLY G 103 -4.51 -20.80 20.79
N ALA G 104 -4.04 -21.18 19.61
CA ALA G 104 -4.89 -21.88 18.64
C ALA G 104 -4.00 -22.61 17.65
N ASP G 105 -4.27 -23.89 17.46
CA ASP G 105 -3.52 -24.70 16.51
C ASP G 105 -4.39 -25.90 16.12
N TYR G 106 -4.07 -26.51 14.99
CA TYR G 106 -4.81 -27.65 14.48
C TYR G 106 -3.83 -28.71 14.00
N LYS G 107 -4.30 -29.96 13.92
CA LYS G 107 -3.48 -31.05 13.41
C LYS G 107 -4.35 -32.07 12.68
N ARG G 108 -3.70 -32.91 11.88
CA ARG G 108 -4.36 -33.86 11.00
C ARG G 108 -4.02 -35.30 11.39
N ILE G 109 -5.04 -36.16 11.37
CA ILE G 109 -4.89 -37.58 11.66
C ILE G 109 -5.52 -38.36 10.53
N THR G 110 -4.74 -39.18 9.83
CA THR G 110 -5.28 -39.96 8.74
C THR G 110 -5.71 -41.34 9.24
N VAL G 111 -6.76 -41.88 8.61
CA VAL G 111 -7.43 -43.09 9.06
C VAL G 111 -7.68 -44.00 7.87
N LYS G 112 -7.16 -45.22 7.94
CA LYS G 112 -7.43 -46.28 6.98
C LYS G 112 -8.34 -47.31 7.63
N VAL G 113 -9.33 -47.79 6.87
CA VAL G 113 -10.29 -48.77 7.39
C VAL G 113 -10.26 -50.01 6.51
N ASN G 114 -10.34 -51.18 7.15
CA ASN G 114 -10.33 -52.47 6.47
C ASN G 114 -11.71 -53.10 6.56
N ALA G 115 -12.17 -53.67 5.46
CA ALA G 115 -13.52 -54.23 5.38
C ALA G 115 -13.50 -55.54 4.63
N PRO G 116 -14.41 -56.46 4.97
CA PRO G 116 -14.54 -57.69 4.19
C PRO G 116 -15.13 -57.44 2.81
N TYR G 117 -15.42 -58.50 2.07
CA TYR G 117 -15.89 -58.35 0.69
C TYR G 117 -17.29 -57.74 0.65
N ALA G 118 -18.17 -58.16 1.56
CA ALA G 118 -19.57 -57.75 1.51
C ALA G 118 -19.70 -56.24 1.72
N ALA G 119 -19.16 -55.73 2.82
CA ALA G 119 -19.22 -54.30 3.09
C ALA G 119 -18.55 -53.50 1.98
N ALA G 120 -17.41 -53.99 1.48
CA ALA G 120 -16.73 -53.31 0.39
C ALA G 120 -17.61 -53.22 -0.84
N LEU G 121 -18.41 -54.25 -1.11
CA LEU G 121 -19.29 -54.17 -2.28
C LEU G 121 -20.48 -53.27 -2.03
N GLU G 122 -21.01 -53.24 -0.79
CA GLU G 122 -22.09 -52.31 -0.49
C GLU G 122 -21.62 -50.87 -0.63
N HIS G 123 -20.37 -50.59 -0.25
CA HIS G 123 -19.80 -49.28 -0.49
C HIS G 123 -19.61 -49.02 -1.99
N HIS G 124 -19.16 -50.04 -2.73
CA HIS G 124 -18.88 -49.85 -4.15
C HIS G 124 -20.15 -49.57 -4.95
N HIS G 125 -21.29 -50.07 -4.49
CA HIS G 125 -22.57 -49.83 -5.18
C HIS G 125 -23.48 -48.93 -4.33
N ALA H 1 24.88 6.89 -35.35
CA ALA H 1 25.62 7.53 -34.26
C ALA H 1 24.97 8.84 -33.84
N PHE H 2 23.91 8.75 -33.04
CA PHE H 2 23.18 9.93 -32.60
C PHE H 2 23.99 10.71 -31.57
N THR H 3 24.05 12.03 -31.75
CA THR H 3 24.84 12.91 -30.89
C THR H 3 24.18 14.27 -30.80
N VAL H 4 24.15 14.83 -29.60
CA VAL H 4 23.63 16.18 -29.37
C VAL H 4 24.79 17.15 -29.31
N THR H 5 24.62 18.31 -29.96
CA THR H 5 25.68 19.30 -30.10
C THR H 5 25.25 20.62 -29.48
N VAL H 6 26.17 21.26 -28.76
CA VAL H 6 25.93 22.56 -28.16
C VAL H 6 26.89 23.57 -28.76
N PRO H 7 26.34 24.67 -29.28
CA PRO H 7 27.17 25.66 -29.96
C PRO H 7 28.07 26.41 -28.98
N LYS H 8 27.55 26.74 -27.80
CA LYS H 8 28.31 27.45 -26.78
C LYS H 8 28.22 26.66 -25.48
N ASP H 9 29.38 26.28 -24.94
CA ASP H 9 29.40 25.58 -23.66
C ASP H 9 29.09 26.49 -22.49
N LEU H 10 29.26 27.81 -22.66
CA LEU H 10 29.00 28.78 -21.61
C LEU H 10 28.22 29.95 -22.18
N TYR H 11 27.23 30.43 -21.42
CA TYR H 11 26.47 31.62 -21.77
C TYR H 11 26.62 32.62 -20.64
N VAL H 12 27.04 33.84 -20.98
CA VAL H 12 27.18 34.93 -20.02
C VAL H 12 26.10 35.96 -20.32
N VAL H 13 25.17 36.15 -19.39
CA VAL H 13 24.04 37.06 -19.57
C VAL H 13 23.95 38.02 -18.40
N GLU H 14 23.42 39.20 -18.66
CA GLU H 14 23.18 40.18 -17.61
C GLU H 14 21.76 40.02 -17.06
N TYR H 15 21.57 40.47 -15.83
CA TYR H 15 20.28 40.32 -15.16
C TYR H 15 19.19 41.05 -15.94
N GLY H 16 17.98 40.49 -15.88
CA GLY H 16 16.78 40.98 -16.54
C GLY H 16 16.83 40.88 -18.06
N SER H 17 17.77 40.11 -18.61
CA SER H 17 17.89 39.94 -20.05
C SER H 17 17.03 38.74 -20.51
N ASN H 18 17.20 38.35 -21.76
CA ASN H 18 16.50 37.21 -22.34
C ASN H 18 17.54 36.30 -22.97
N MET H 19 17.80 35.16 -22.33
CA MET H 19 18.88 34.26 -22.72
C MET H 19 18.32 33.11 -23.55
N THR H 20 18.96 32.83 -24.67
CA THR H 20 18.55 31.73 -25.54
C THR H 20 19.68 30.71 -25.62
N ILE H 21 19.55 29.63 -24.85
CA ILE H 21 20.45 28.50 -24.95
C ILE H 21 19.76 27.40 -25.74
N GLU H 22 20.59 26.49 -26.27
CA GLU H 22 20.14 25.77 -27.44
C GLU H 22 20.99 24.53 -27.72
N CYS H 23 20.31 23.40 -27.86
CA CYS H 23 20.93 22.20 -28.43
C CYS H 23 20.27 21.81 -29.74
N LYS H 24 21.08 21.16 -30.58
CA LYS H 24 20.81 20.86 -31.98
C LYS H 24 21.19 19.41 -32.26
N PHE H 25 20.22 18.63 -32.72
CA PHE H 25 20.35 17.19 -32.97
C PHE H 25 20.17 16.86 -34.45
N PRO H 26 20.79 15.77 -34.95
CA PRO H 26 20.73 15.49 -36.39
C PRO H 26 19.34 15.11 -36.90
N VAL H 27 18.64 16.08 -37.50
CA VAL H 27 17.38 15.85 -38.17
C VAL H 27 17.63 15.75 -39.67
N GLU H 28 17.33 14.60 -40.25
CA GLU H 28 17.54 14.36 -41.68
C GLU H 28 16.18 14.21 -42.34
N LYS H 29 15.93 15.02 -43.37
CA LYS H 29 14.68 15.00 -44.15
C LYS H 29 13.54 15.39 -43.20
N GLN H 30 12.36 14.79 -43.35
CA GLN H 30 11.19 15.22 -42.60
C GLN H 30 11.35 14.93 -41.12
N LEU H 31 10.85 15.85 -40.28
CA LEU H 31 10.94 15.72 -38.83
C LEU H 31 9.75 14.90 -38.34
N ASP H 32 10.03 13.70 -37.84
CA ASP H 32 9.00 12.82 -37.29
C ASP H 32 8.68 13.28 -35.87
N LEU H 33 7.83 14.31 -35.79
CA LEU H 33 7.53 14.94 -34.50
C LEU H 33 6.98 13.96 -33.48
N ALA H 34 6.46 12.82 -33.92
CA ALA H 34 5.90 11.85 -32.98
C ALA H 34 6.97 11.15 -32.16
N ALA H 35 8.18 11.01 -32.71
CA ALA H 35 9.27 10.29 -32.06
C ALA H 35 10.31 11.23 -31.46
N LEU H 36 9.88 12.34 -30.87
CA LEU H 36 10.79 13.33 -30.33
C LEU H 36 10.51 13.57 -28.86
N ILE H 37 11.56 13.55 -28.04
CA ILE H 37 11.47 13.91 -26.63
C ILE H 37 12.58 14.91 -26.34
N VAL H 38 12.23 16.00 -25.65
CA VAL H 38 13.21 17.02 -25.29
C VAL H 38 13.00 17.39 -23.83
N TYR H 39 13.94 17.03 -22.96
CA TYR H 39 13.95 17.52 -21.59
C TYR H 39 14.90 18.71 -21.52
N TRP H 40 14.48 19.74 -20.79
CA TRP H 40 15.37 20.83 -20.39
C TRP H 40 15.37 20.89 -18.88
N GLU H 41 16.55 20.83 -18.28
CA GLU H 41 16.70 20.72 -16.84
C GLU H 41 17.79 21.66 -16.37
N MET H 42 17.73 22.04 -15.09
CA MET H 42 18.80 22.84 -14.48
C MET H 42 18.93 22.41 -13.02
N GLU H 43 19.92 21.56 -12.74
CA GLU H 43 20.18 21.08 -11.40
C GLU H 43 18.93 20.43 -10.80
N ASP H 44 18.39 19.46 -11.55
CA ASP H 44 17.33 18.57 -11.12
C ASP H 44 16.02 19.30 -10.82
N LYS H 45 15.85 20.50 -11.34
CA LYS H 45 14.54 21.10 -11.52
C LYS H 45 14.31 21.19 -13.03
N ASN H 46 13.29 20.50 -13.52
CA ASN H 46 13.09 20.38 -14.96
C ASN H 46 12.35 21.58 -15.50
N ILE H 47 12.82 22.07 -16.65
CA ILE H 47 12.30 23.28 -17.26
C ILE H 47 11.33 22.96 -18.38
N ILE H 48 11.70 22.07 -19.30
CA ILE H 48 10.84 21.67 -20.41
C ILE H 48 10.70 20.15 -20.43
N GLN H 49 9.51 19.66 -20.80
CA GLN H 49 9.25 18.25 -21.10
C GLN H 49 8.44 18.23 -22.39
N PHE H 50 9.12 18.38 -23.52
CA PHE H 50 8.48 18.35 -24.83
C PHE H 50 8.37 16.89 -25.27
N VAL H 51 7.20 16.30 -25.06
CA VAL H 51 6.94 14.91 -25.44
C VAL H 51 5.83 14.91 -26.49
N HIS H 52 5.94 13.99 -27.45
CA HIS H 52 4.95 13.82 -28.51
C HIS H 52 4.73 15.09 -29.31
N GLY H 53 3.59 15.74 -29.11
CA GLY H 53 3.23 16.89 -29.91
C GLY H 53 3.57 18.24 -29.31
N GLU H 54 3.21 18.46 -28.03
CA GLU H 54 3.42 19.76 -27.40
C GLU H 54 4.15 19.62 -26.07
N GLU H 55 4.28 20.73 -25.34
CA GLU H 55 4.96 20.74 -24.06
C GLU H 55 4.08 20.12 -22.97
N ASP H 56 4.69 19.86 -21.82
CA ASP H 56 4.00 19.27 -20.67
C ASP H 56 4.54 19.92 -19.41
N LEU H 57 3.72 20.74 -18.75
CA LEU H 57 4.12 21.48 -17.56
C LEU H 57 3.84 20.72 -16.26
N LYS H 58 3.40 19.46 -16.34
CA LYS H 58 3.01 18.69 -15.17
C LYS H 58 4.17 18.37 -14.22
N VAL H 59 5.39 18.78 -14.53
CA VAL H 59 6.55 18.49 -13.70
C VAL H 59 7.41 19.75 -13.64
N GLN H 60 7.04 20.77 -14.43
CA GLN H 60 7.76 22.03 -14.46
C GLN H 60 7.94 22.59 -13.05
N HIS H 61 9.12 23.14 -12.80
CA HIS H 61 9.43 23.66 -11.47
C HIS H 61 8.87 25.06 -11.28
N SER H 62 8.83 25.50 -10.01
CA SER H 62 8.24 26.78 -9.66
C SER H 62 9.02 27.97 -10.23
N SER H 63 10.29 27.80 -10.54
CA SER H 63 11.14 28.92 -10.91
C SER H 63 11.08 29.26 -12.40
N TYR H 64 10.10 28.73 -13.14
CA TYR H 64 10.07 28.93 -14.58
C TYR H 64 8.67 29.13 -15.15
N ARG H 65 7.71 29.54 -14.33
CA ARG H 65 6.33 29.71 -14.78
C ARG H 65 6.22 30.86 -15.77
N GLN H 66 5.68 30.58 -16.96
CA GLN H 66 5.48 31.57 -18.02
C GLN H 66 6.79 32.17 -18.51
N ARG H 67 7.88 31.90 -17.80
CA ARG H 67 9.18 32.48 -18.12
C ARG H 67 9.89 31.70 -19.23
N ALA H 68 9.84 30.38 -19.17
CA ALA H 68 10.56 29.53 -20.10
C ALA H 68 9.61 28.92 -21.12
N ARG H 69 10.10 28.77 -22.34
CA ARG H 69 9.32 28.15 -23.41
C ARG H 69 10.30 27.65 -24.47
N LEU H 70 10.05 26.43 -24.95
CA LEU H 70 10.87 25.84 -25.99
C LEU H 70 10.29 26.22 -27.36
N LEU H 71 11.09 26.91 -28.16
CA LEU H 71 10.66 27.26 -29.51
C LEU H 71 10.45 25.99 -30.32
N LYS H 72 9.20 25.76 -30.74
CA LYS H 72 8.77 24.47 -31.26
C LYS H 72 9.15 24.26 -32.73
N ASP H 73 8.67 25.14 -33.61
CA ASP H 73 8.88 24.99 -35.06
C ASP H 73 10.37 24.99 -35.37
N GLN H 74 11.16 25.39 -34.37
CA GLN H 74 12.60 25.26 -34.42
C GLN H 74 13.05 23.81 -34.60
N LEU H 75 12.21 22.82 -34.27
CA LEU H 75 12.63 21.42 -34.33
C LEU H 75 12.77 20.88 -35.75
N SER H 76 12.19 21.55 -36.76
CA SER H 76 12.52 21.21 -38.13
C SER H 76 13.96 21.52 -38.45
N LEU H 77 14.48 22.62 -37.88
CA LEU H 77 15.92 22.87 -37.87
C LEU H 77 16.68 21.75 -37.20
N GLY H 78 16.02 20.99 -36.35
CA GLY H 78 16.66 20.29 -35.26
C GLY H 78 16.84 21.16 -34.01
N ASN H 79 16.28 22.38 -33.99
CA ASN H 79 16.53 23.33 -32.91
C ASN H 79 15.63 22.97 -31.70
N ALA H 80 16.22 22.81 -30.50
CA ALA H 80 15.46 22.42 -29.29
C ALA H 80 15.50 23.58 -28.30
N ALA H 81 14.87 24.70 -28.69
CA ALA H 81 15.23 26.02 -28.20
C ALA H 81 14.67 26.33 -26.81
N LEU H 82 15.56 26.70 -25.87
CA LEU H 82 15.15 27.17 -24.55
C LEU H 82 15.57 28.63 -24.40
N GLN H 83 14.60 29.50 -24.15
CA GLN H 83 14.88 30.88 -23.81
C GLN H 83 14.26 31.21 -22.47
N ILE H 84 15.05 31.83 -21.60
CA ILE H 84 14.61 32.35 -20.31
C ILE H 84 14.43 33.85 -20.46
N THR H 85 13.21 34.32 -20.24
CA THR H 85 12.91 35.75 -20.29
C THR H 85 13.01 36.32 -18.88
N ASP H 86 13.55 37.54 -18.78
CA ASP H 86 13.75 38.20 -17.49
C ASP H 86 14.62 37.32 -16.59
N VAL H 87 15.86 37.13 -17.03
CA VAL H 87 16.78 36.19 -16.39
C VAL H 87 17.02 36.60 -14.94
N LYS H 88 16.88 35.64 -14.03
CA LYS H 88 17.12 35.84 -12.61
C LYS H 88 18.51 35.31 -12.25
N LEU H 89 18.96 35.67 -11.04
CA LEU H 89 20.29 35.23 -10.61
C LEU H 89 20.30 33.76 -10.24
N GLN H 90 19.18 33.20 -9.79
CA GLN H 90 19.11 31.79 -9.50
C GLN H 90 18.96 30.93 -10.74
N ASP H 91 18.85 31.54 -11.92
CA ASP H 91 18.91 30.80 -13.18
C ASP H 91 20.35 30.48 -13.59
N ALA H 92 21.34 30.99 -12.87
CA ALA H 92 22.73 30.64 -13.12
C ALA H 92 23.02 29.26 -12.55
N GLY H 93 23.61 28.40 -13.39
CA GLY H 93 23.89 27.05 -12.98
C GLY H 93 24.14 26.19 -14.21
N VAL H 94 24.04 24.89 -14.01
CA VAL H 94 24.31 23.92 -15.06
C VAL H 94 22.99 23.49 -15.68
N TYR H 95 22.88 23.67 -16.99
CA TYR H 95 21.70 23.27 -17.74
C TYR H 95 21.99 21.96 -18.47
N ARG H 96 20.95 21.19 -18.69
CA ARG H 96 21.08 19.92 -19.40
C ARG H 96 19.93 19.81 -20.38
N CYS H 97 20.25 19.42 -21.61
CA CYS H 97 19.23 19.12 -22.61
C CYS H 97 19.31 17.64 -22.95
N MET H 98 18.21 16.94 -22.70
CA MET H 98 18.03 15.57 -23.17
C MET H 98 17.26 15.59 -24.46
N ILE H 99 17.75 14.87 -25.45
CA ILE H 99 17.06 14.75 -26.72
C ILE H 99 17.00 13.27 -27.09
N SER H 100 15.80 12.79 -27.36
CA SER H 100 15.55 11.42 -27.83
C SER H 100 14.87 11.55 -29.19
N TYR H 101 15.57 11.13 -30.24
CA TYR H 101 15.05 11.18 -31.61
C TYR H 101 15.78 10.08 -32.39
N GLY H 102 15.17 8.90 -32.43
CA GLY H 102 15.86 7.70 -32.85
C GLY H 102 16.83 7.26 -31.77
N GLY H 103 18.02 7.85 -31.75
CA GLY H 103 18.95 7.68 -30.66
C GLY H 103 18.61 8.60 -29.51
N ALA H 104 19.59 8.75 -28.61
CA ALA H 104 19.39 9.60 -27.44
C ALA H 104 20.73 10.19 -27.03
N ASP H 105 20.68 11.39 -26.45
CA ASP H 105 21.88 12.04 -25.96
C ASP H 105 21.46 13.22 -25.09
N TYR H 106 22.42 13.78 -24.37
CA TYR H 106 22.20 14.97 -23.58
C TYR H 106 23.49 15.77 -23.53
N LYS H 107 23.36 17.07 -23.31
CA LYS H 107 24.54 17.91 -23.17
C LYS H 107 24.34 18.90 -22.04
N ARG H 108 25.46 19.36 -21.49
CA ARG H 108 25.51 20.33 -20.41
C ARG H 108 25.83 21.71 -20.97
N ILE H 109 25.35 22.74 -20.27
CA ILE H 109 25.58 24.13 -20.65
C ILE H 109 25.70 24.95 -19.38
N THR H 110 26.91 25.43 -19.07
CA THR H 110 27.11 26.27 -17.90
C THR H 110 26.63 27.68 -18.19
N VAL H 111 25.88 28.26 -17.25
CA VAL H 111 25.31 29.60 -17.43
C VAL H 111 25.65 30.44 -16.21
N LYS H 112 26.48 31.46 -16.40
CA LYS H 112 26.79 32.43 -15.36
C LYS H 112 25.96 33.69 -15.57
N VAL H 113 25.71 34.41 -14.47
CA VAL H 113 24.83 35.57 -14.47
C VAL H 113 25.57 36.74 -13.84
N ASN H 114 25.63 37.86 -14.56
CA ASN H 114 26.13 39.12 -14.02
C ASN H 114 24.95 39.96 -13.59
N ALA H 115 25.10 40.63 -12.45
CA ALA H 115 24.00 41.45 -11.95
C ALA H 115 24.58 42.65 -11.20
N PRO H 116 23.82 43.75 -11.21
CA PRO H 116 24.19 44.92 -10.44
C PRO H 116 23.91 44.70 -8.96
N TYR H 117 24.39 45.65 -8.14
CA TYR H 117 24.30 45.48 -6.69
C TYR H 117 22.86 45.53 -6.19
N ALA H 118 21.96 46.18 -6.95
CA ALA H 118 20.58 46.31 -6.50
C ALA H 118 19.87 44.96 -6.45
N ALA H 119 20.15 44.08 -7.41
CA ALA H 119 19.47 42.79 -7.46
C ALA H 119 20.12 41.76 -6.55
N ALA H 120 21.44 41.84 -6.35
CA ALA H 120 22.18 40.80 -5.67
C ALA H 120 21.66 40.52 -4.26
N LEU H 121 21.00 41.49 -3.63
CA LEU H 121 20.43 41.27 -2.31
C LEU H 121 19.34 40.21 -2.38
N GLU H 122 19.67 38.98 -2.00
CA GLU H 122 18.73 37.86 -2.04
C GLU H 122 17.90 37.80 -0.77
#